data_5HJL
#
_entry.id   5HJL
#
_cell.length_a   100.660
_cell.length_b   93.750
_cell.length_c   88.110
_cell.angle_alpha   90.000
_cell.angle_beta   120.580
_cell.angle_gamma   90.000
#
_symmetry.space_group_name_H-M   'C 1 2 1'
#
loop_
_entity.id
_entity.type
_entity.pdbx_description
1 polymer 'Tagatose 1,6-diphosphate aldolase'
2 non-polymer 'SULFATE ION'
3 water water
#
_entity_poly.entity_id   1
_entity_poly.type   'polypeptide(L)'
_entity_poly.pdbx_seq_one_letter_code
;ATVISNKKAYLEKVSRDGIISALAFDQRGALKRMMASHQKEEPTTEQIVSLKRLVSEELTPYASSILLDPEYGLPAIEVK
DQKAGLLLAYEKTGYDAKTSSRLPDCLEDWSVKGLKAAGADAIRFLLYYDVDGNEAVNHQKKAYIERIGSECQAEDLPFF
LEILTYDEKISDNSSIAFAKVKAHKVNEAMRVFSAKRFGIDVLKVEVPLNMAYVEGFTEGPILYSKADAALAFKEQEAAS
HLPYIYLSAGVSAQLFQETLIFAAQSGATFNGVLCGRATWADVVSVYIKEGEAAARQWLRQEGVKNIESLNDVLAKTASP
WTNKVLEHHHHHH
;
_entity_poly.pdbx_strand_id   A,B
#
loop_
_chem_comp.id
_chem_comp.type
_chem_comp.name
_chem_comp.formula
SO4 non-polymer 'SULFATE ION' 'O4 S -2'
#
# COMPACT_ATOMS: atom_id res chain seq x y z
N SER A 5 21.53 6.30 -4.80
CA SER A 5 20.52 6.85 -3.91
C SER A 5 20.53 8.38 -3.88
N ASN A 6 19.58 8.98 -4.59
CA ASN A 6 19.46 10.43 -4.64
C ASN A 6 18.57 10.92 -3.51
N LYS A 7 18.37 10.07 -2.51
CA LYS A 7 17.54 10.46 -1.38
C LYS A 7 18.12 11.69 -0.67
N LYS A 8 19.43 11.81 -0.64
CA LYS A 8 20.07 12.94 0.03
C LYS A 8 20.06 14.17 -0.90
N ALA A 9 20.03 13.92 -2.20
CA ALA A 9 19.92 15.01 -3.17
C ALA A 9 18.55 15.67 -3.04
N TYR A 10 17.51 14.84 -2.96
CA TYR A 10 16.16 15.30 -2.74
C TYR A 10 16.03 15.97 -1.38
N LEU A 11 16.66 15.40 -0.37
CA LEU A 11 16.63 15.98 0.97
C LEU A 11 17.26 17.38 0.99
N GLU A 12 18.30 17.56 0.18
CA GLU A 12 18.91 18.87 0.01
C GLU A 12 17.98 19.86 -0.69
N LYS A 13 17.14 19.34 -1.57
CA LYS A 13 16.21 20.17 -2.33
C LYS A 13 15.13 20.80 -1.45
N VAL A 14 14.83 20.16 -0.32
CA VAL A 14 13.86 20.72 0.62
C VAL A 14 14.53 21.41 1.81
N SER A 15 15.86 21.47 1.81
CA SER A 15 16.58 22.11 2.91
C SER A 15 17.30 23.36 2.44
N ARG A 16 17.88 24.06 3.41
CA ARG A 16 18.72 25.22 3.17
C ARG A 16 19.79 25.23 4.26
N ASP A 17 21.02 24.95 3.86
CA ASP A 17 22.17 24.89 4.77
C ASP A 17 22.01 23.75 5.75
N GLY A 18 21.49 22.63 5.27
CA GLY A 18 21.30 21.44 6.11
C GLY A 18 20.21 21.61 7.14
N ILE A 19 19.47 22.72 7.04
CA ILE A 19 18.34 22.95 7.93
C ILE A 19 17.07 23.01 7.11
N ILE A 20 16.05 22.27 7.55
CA ILE A 20 14.76 22.32 6.90
C ILE A 20 13.91 23.43 7.51
N SER A 21 13.83 24.55 6.79
CA SER A 21 12.99 25.66 7.21
C SER A 21 11.79 25.71 6.27
N ALA A 22 10.83 24.82 6.50
CA ALA A 22 9.77 24.56 5.54
C ALA A 22 8.42 25.12 5.97
N LEU A 23 7.61 25.48 4.98
CA LEU A 23 6.28 26.01 5.20
C LEU A 23 5.24 24.93 4.90
N ALA A 24 4.37 24.66 5.87
CA ALA A 24 3.37 23.62 5.71
C ALA A 24 2.00 24.22 5.45
N PHE A 25 1.36 23.78 4.37
CA PHE A 25 -0.02 24.14 4.18
C PHE A 25 -0.64 22.94 3.46
N ASP A 26 -0.72 21.83 4.19
CA ASP A 26 -1.36 20.63 3.70
C ASP A 26 -2.74 20.50 4.31
N GLN A 27 -3.07 21.43 5.23
CA GLN A 27 -4.29 21.32 6.02
C GLN A 27 -5.52 21.32 5.13
N ARG A 28 -6.47 20.45 5.46
CA ARG A 28 -7.65 20.27 4.65
C ARG A 28 -8.89 20.46 5.52
N GLY A 29 -9.24 19.44 6.30
CA GLY A 29 -10.34 19.54 7.24
C GLY A 29 -10.22 20.71 8.19
N ALA A 30 -9.03 20.87 8.78
CA ALA A 30 -8.74 21.96 9.71
C ALA A 30 -8.94 23.32 9.04
N LEU A 31 -8.57 23.41 7.77
CA LEU A 31 -8.72 24.65 7.03
C LEU A 31 -10.16 25.06 6.81
N LYS A 32 -11.03 24.11 6.46
CA LYS A 32 -12.43 24.46 6.17
C LYS A 32 -13.19 24.74 7.45
N ARG A 33 -12.70 24.22 8.57
CA ARG A 33 -13.27 24.57 9.86
C ARG A 33 -12.88 25.99 10.23
N MET A 34 -11.62 26.36 9.96
CA MET A 34 -11.16 27.73 10.19
C MET A 34 -11.97 28.73 9.35
N MET A 35 -12.17 28.36 8.09
CA MET A 35 -12.92 29.20 7.16
C MET A 35 -14.41 29.27 7.49
N ALA A 36 -14.99 28.15 7.92
CA ALA A 36 -16.43 28.07 8.23
C ALA A 36 -16.82 28.98 9.38
N SER A 37 -15.92 29.17 10.33
CA SER A 37 -16.18 30.01 11.50
C SER A 37 -16.41 31.48 11.14
N HIS A 38 -15.94 31.87 9.96
CA HIS A 38 -15.99 33.28 9.55
C HIS A 38 -17.03 33.61 8.48
N GLN A 39 -17.88 32.67 8.12
CA GLN A 39 -18.88 32.92 7.09
C GLN A 39 -20.07 31.99 7.19
N LYS A 40 -21.18 32.38 6.58
CA LYS A 40 -22.42 31.61 6.65
C LYS A 40 -22.39 30.31 5.83
N GLU A 41 -21.71 30.33 4.69
CA GLU A 41 -21.76 29.19 3.78
C GLU A 41 -20.60 28.27 4.14
N GLU A 42 -20.59 27.04 3.64
CA GLU A 42 -19.42 26.22 3.90
C GLU A 42 -18.37 26.58 2.84
N PRO A 43 -17.08 26.52 3.20
CA PRO A 43 -16.09 27.03 2.25
C PRO A 43 -15.98 26.14 1.02
N THR A 44 -15.98 26.75 -0.15
CA THR A 44 -15.97 26.03 -1.41
C THR A 44 -14.54 25.86 -1.94
N THR A 45 -14.40 24.95 -2.91
CA THR A 45 -13.10 24.54 -3.47
C THR A 45 -12.29 25.70 -4.06
N GLU A 46 -12.95 26.63 -4.74
CA GLU A 46 -12.30 27.84 -5.25
C GLU A 46 -11.55 28.60 -4.15
N GLN A 47 -12.21 28.80 -3.01
CA GLN A 47 -11.64 29.58 -1.92
C GLN A 47 -10.38 28.94 -1.35
N ILE A 48 -10.46 27.63 -1.13
CA ILE A 48 -9.33 26.86 -0.60
C ILE A 48 -8.16 26.89 -1.57
N VAL A 49 -8.43 26.62 -2.85
CA VAL A 49 -7.39 26.63 -3.87
C VAL A 49 -6.75 28.02 -3.99
N SER A 50 -7.57 29.05 -3.99
CA SER A 50 -7.08 30.40 -4.18
C SER A 50 -6.21 30.84 -3.00
N LEU A 51 -6.64 30.47 -1.79
CA LEU A 51 -5.87 30.80 -0.59
C LEU A 51 -4.56 30.04 -0.56
N LYS A 52 -4.57 28.79 -1.01
CA LYS A 52 -3.35 28.00 -1.07
C LYS A 52 -2.38 28.61 -2.07
N ARG A 53 -2.93 29.11 -3.17
CA ARG A 53 -2.13 29.77 -4.20
C ARG A 53 -1.51 31.05 -3.67
N LEU A 54 -2.24 31.75 -2.81
CA LEU A 54 -1.81 33.04 -2.29
C LEU A 54 -0.70 32.91 -1.25
N VAL A 55 -0.87 32.00 -0.31
CA VAL A 55 0.14 31.74 0.72
C VAL A 55 1.42 31.20 0.09
N SER A 56 1.26 30.32 -0.88
CA SER A 56 2.38 29.75 -1.63
C SER A 56 3.12 30.84 -2.39
N GLU A 57 2.35 31.73 -3.01
CA GLU A 57 2.89 32.82 -3.80
C GLU A 57 3.78 33.74 -2.98
N GLU A 58 3.31 34.12 -1.79
CA GLU A 58 3.94 35.18 -1.02
C GLU A 58 4.97 34.72 0.01
N LEU A 59 4.85 33.49 0.52
CA LEU A 59 5.69 33.06 1.63
C LEU A 59 6.79 32.07 1.25
N THR A 60 6.64 31.39 0.12
CA THR A 60 7.66 30.44 -0.34
C THR A 60 9.04 31.06 -0.65
N PRO A 61 9.09 32.36 -1.00
CA PRO A 61 10.46 32.91 -1.13
C PRO A 61 11.26 32.91 0.18
N TYR A 62 10.59 32.69 1.31
CA TYR A 62 11.28 32.75 2.60
C TYR A 62 11.36 31.38 3.26
N ALA A 63 10.99 30.35 2.50
CA ALA A 63 11.07 28.98 3.00
C ALA A 63 11.92 28.12 2.04
N SER A 64 12.45 27.05 2.58
CA SER A 64 13.31 26.15 1.80
C SER A 64 12.48 25.16 1.00
N SER A 65 11.24 24.97 1.41
CA SER A 65 10.33 24.05 0.73
C SER A 65 8.92 24.29 1.22
N ILE A 66 7.94 23.70 0.53
CA ILE A 66 6.56 23.78 0.99
C ILE A 66 5.89 22.41 0.97
N LEU A 67 5.11 22.13 2.01
CA LEU A 67 4.30 20.91 2.05
C LEU A 67 2.88 21.22 1.58
N LEU A 68 2.44 20.48 0.57
CA LEU A 68 1.11 20.66 0.00
C LEU A 68 0.41 19.31 -0.15
N ASP A 69 -0.90 19.35 -0.36
CA ASP A 69 -1.68 18.15 -0.60
C ASP A 69 -2.13 18.08 -2.05
N PRO A 70 -2.25 16.87 -2.61
CA PRO A 70 -2.67 16.68 -4.00
C PRO A 70 -4.14 17.04 -4.27
N GLU A 71 -4.95 17.16 -3.23
CA GLU A 71 -6.37 17.47 -3.40
C GLU A 71 -6.65 18.90 -3.83
N TYR A 72 -5.99 19.86 -3.18
CA TYR A 72 -6.22 21.27 -3.48
C TYR A 72 -4.95 22.05 -3.83
N GLY A 73 -3.79 21.44 -3.61
CA GLY A 73 -2.52 22.16 -3.65
C GLY A 73 -1.74 22.13 -4.95
N LEU A 74 -2.25 21.43 -5.95
CA LEU A 74 -1.56 21.33 -7.23
C LEU A 74 -1.46 22.67 -7.99
N PRO A 75 -2.52 23.51 -7.98
CA PRO A 75 -2.37 24.84 -8.59
C PRO A 75 -1.35 25.73 -7.87
N ALA A 76 -1.19 25.53 -6.57
CA ALA A 76 -0.21 26.26 -5.76
C ALA A 76 1.22 25.96 -6.18
N ILE A 77 1.44 24.75 -6.66
CA ILE A 77 2.76 24.30 -7.12
C ILE A 77 3.39 25.17 -8.22
N GLU A 78 2.60 25.61 -9.20
CA GLU A 78 3.18 26.37 -10.32
C GLU A 78 3.59 27.78 -9.91
N VAL A 79 3.11 28.20 -8.75
CA VAL A 79 3.30 29.56 -8.30
C VAL A 79 4.27 29.62 -7.10
N LYS A 80 4.76 28.47 -6.69
CA LYS A 80 5.69 28.41 -5.57
C LYS A 80 7.04 28.91 -6.06
N ASP A 81 7.86 29.40 -5.13
CA ASP A 81 9.16 29.93 -5.52
C ASP A 81 10.00 28.77 -6.06
N GLN A 82 10.81 29.05 -7.08
CA GLN A 82 11.51 27.96 -7.77
C GLN A 82 12.80 27.52 -7.07
N LYS A 83 13.17 28.21 -5.99
CA LYS A 83 14.31 27.73 -5.20
C LYS A 83 13.75 26.99 -3.98
N ALA A 84 12.42 26.91 -3.92
CA ALA A 84 11.71 26.19 -2.86
C ALA A 84 11.37 24.76 -3.30
N GLY A 85 11.65 23.79 -2.43
CA GLY A 85 11.32 22.40 -2.69
C GLY A 85 9.86 22.07 -2.49
N LEU A 86 9.49 20.84 -2.81
CA LEU A 86 8.10 20.41 -2.69
C LEU A 86 7.92 19.09 -1.95
N LEU A 87 7.06 19.11 -0.94
CA LEU A 87 6.61 17.89 -0.29
C LEU A 87 5.13 17.69 -0.56
N LEU A 88 4.72 16.45 -0.79
CA LEU A 88 3.31 16.16 -0.98
C LEU A 88 2.80 15.18 0.08
N ALA A 89 1.57 15.43 0.54
CA ALA A 89 0.92 14.55 1.51
C ALA A 89 0.32 13.35 0.79
N TYR A 90 0.34 12.21 1.45
CA TYR A 90 -0.05 10.94 0.84
C TYR A 90 -1.33 10.40 1.47
N GLU A 91 -1.59 10.80 2.70
CA GLU A 91 -2.70 10.25 3.47
C GLU A 91 -4.01 11.03 3.34
N LYS A 92 -5.12 10.34 3.59
CA LYS A 92 -6.44 10.97 3.70
C LYS A 92 -6.54 11.83 4.95
N THR A 93 -7.30 12.90 4.87
CA THR A 93 -7.42 13.82 5.99
C THR A 93 -8.35 13.27 7.07
N GLY A 94 -8.00 13.52 8.33
CA GLY A 94 -8.87 13.23 9.46
C GLY A 94 -8.91 11.77 9.91
N TYR A 95 -9.90 11.45 10.74
CA TYR A 95 -10.06 10.11 11.32
C TYR A 95 -11.48 9.96 11.88
N ASP A 96 -11.95 8.72 11.99
CA ASP A 96 -13.30 8.49 12.47
C ASP A 96 -13.30 8.61 13.98
N ALA A 97 -13.84 9.72 14.46
CA ALA A 97 -13.81 10.06 15.88
C ALA A 97 -14.62 9.12 16.78
N LYS A 98 -15.43 8.26 16.18
CA LYS A 98 -16.28 7.35 16.94
C LYS A 98 -15.61 6.03 17.29
N THR A 99 -14.40 5.82 16.77
CA THR A 99 -13.59 4.68 17.19
C THR A 99 -12.19 5.16 17.57
N SER A 100 -11.44 4.31 18.26
CA SER A 100 -10.14 4.72 18.79
C SER A 100 -8.98 4.17 17.98
N SER A 101 -9.29 3.40 16.93
CA SER A 101 -8.24 2.73 16.18
C SER A 101 -7.49 3.72 15.28
N ARG A 102 -8.23 4.67 14.70
CA ARG A 102 -7.67 5.71 13.83
C ARG A 102 -6.71 5.11 12.80
N LEU A 103 -7.21 4.19 12.00
CA LEU A 103 -6.39 3.46 11.03
C LEU A 103 -5.97 4.34 9.86
N PRO A 104 -4.75 4.11 9.33
CA PRO A 104 -4.21 4.92 8.24
C PRO A 104 -4.72 4.49 6.87
N ASP A 105 -4.82 5.43 5.93
CA ASP A 105 -5.23 5.11 4.57
C ASP A 105 -4.65 6.14 3.58
N CYS A 106 -4.05 5.64 2.50
CA CYS A 106 -3.55 6.48 1.41
C CYS A 106 -4.70 7.00 0.56
N LEU A 107 -4.50 8.16 -0.06
CA LEU A 107 -5.44 8.66 -1.06
C LEU A 107 -5.53 7.64 -2.19
N GLU A 108 -6.75 7.23 -2.54
CA GLU A 108 -6.97 6.14 -3.49
C GLU A 108 -6.49 6.45 -4.91
N ASP A 109 -6.46 7.72 -5.29
CA ASP A 109 -6.12 8.08 -6.65
C ASP A 109 -4.62 8.17 -6.88
N TRP A 110 -3.84 7.95 -5.83
CA TRP A 110 -2.40 8.22 -5.88
C TRP A 110 -1.49 7.05 -5.49
N SER A 111 -0.26 7.13 -5.96
CA SER A 111 0.82 6.27 -5.55
C SER A 111 2.07 7.14 -5.44
N VAL A 112 3.14 6.63 -4.84
CA VAL A 112 4.37 7.41 -4.71
C VAL A 112 4.91 7.75 -6.10
N LYS A 113 4.74 6.82 -7.04
CA LYS A 113 5.05 7.07 -8.45
C LYS A 113 4.33 8.30 -8.95
N GLY A 114 3.03 8.37 -8.69
CA GLY A 114 2.23 9.50 -9.14
C GLY A 114 2.60 10.81 -8.48
N LEU A 115 2.93 10.76 -7.19
CA LEU A 115 3.33 11.96 -6.45
C LEU A 115 4.66 12.47 -6.99
N LYS A 116 5.56 11.56 -7.32
CA LYS A 116 6.83 11.92 -7.93
C LYS A 116 6.59 12.61 -9.26
N ALA A 117 5.68 12.05 -10.04
CA ALA A 117 5.31 12.60 -11.35
C ALA A 117 4.68 13.99 -11.23
N ALA A 118 4.00 14.24 -10.12
CA ALA A 118 3.36 15.53 -9.89
C ALA A 118 4.38 16.59 -9.43
N GLY A 119 5.59 16.15 -9.11
CA GLY A 119 6.66 17.08 -8.79
C GLY A 119 7.27 16.95 -7.40
N ALA A 120 6.84 15.95 -6.64
CA ALA A 120 7.30 15.78 -5.27
C ALA A 120 8.80 15.50 -5.17
N ASP A 121 9.43 16.13 -4.18
CA ASP A 121 10.81 15.88 -3.85
C ASP A 121 10.86 14.96 -2.65
N ALA A 122 9.71 14.80 -1.99
CA ALA A 122 9.60 13.99 -0.80
C ALA A 122 8.13 13.69 -0.50
N ILE A 123 7.89 12.62 0.25
CA ILE A 123 6.54 12.20 0.56
C ILE A 123 6.29 12.29 2.06
N ARG A 124 5.12 12.82 2.43
CA ARG A 124 4.71 12.93 3.82
C ARG A 124 3.52 12.01 4.09
N PHE A 125 3.64 11.19 5.13
CA PHE A 125 2.50 10.43 5.61
C PHE A 125 2.23 10.74 7.08
N LEU A 126 0.99 11.05 7.41
CA LEU A 126 0.61 11.35 8.79
C LEU A 126 0.00 10.12 9.44
N LEU A 127 0.55 9.71 10.57
CA LEU A 127 0.04 8.55 11.29
C LEU A 127 -0.35 8.90 12.72
N TYR A 128 -1.56 8.49 13.11
CA TYR A 128 -1.96 8.57 14.52
C TYR A 128 -1.50 7.31 15.23
N TYR A 129 -0.80 7.46 16.35
CA TYR A 129 -0.25 6.30 17.04
C TYR A 129 -0.36 6.39 18.56
N ASP A 130 -0.87 5.32 19.15
CA ASP A 130 -0.88 5.17 20.60
C ASP A 130 -0.01 3.96 20.93
N VAL A 131 1.15 4.22 21.53
CA VAL A 131 2.11 3.18 21.87
C VAL A 131 1.54 2.20 22.89
N ASP A 132 0.58 2.66 23.69
CA ASP A 132 -0.02 1.84 24.74
C ASP A 132 -1.34 1.20 24.30
N GLY A 133 -1.70 1.41 23.04
CA GLY A 133 -3.00 0.97 22.55
C GLY A 133 -3.10 -0.48 22.15
N ASN A 134 -4.25 -0.84 21.59
CA ASN A 134 -4.51 -2.17 21.08
C ASN A 134 -3.40 -2.57 20.12
N GLU A 135 -2.79 -3.73 20.33
CA GLU A 135 -1.60 -4.04 19.56
C GLU A 135 -1.90 -4.97 18.39
N ALA A 136 -3.18 -5.23 18.13
CA ALA A 136 -3.61 -5.75 16.84
C ALA A 136 -3.71 -4.58 15.88
N VAL A 137 -4.22 -3.48 16.41
CA VAL A 137 -4.29 -2.22 15.67
C VAL A 137 -2.89 -1.73 15.31
N ASN A 138 -1.99 -1.73 16.27
CA ASN A 138 -0.64 -1.23 16.03
C ASN A 138 0.15 -2.13 15.08
N HIS A 139 -0.14 -3.43 15.12
CA HIS A 139 0.46 -4.35 14.15
C HIS A 139 0.08 -3.96 12.72
N GLN A 140 -1.20 -3.66 12.53
CA GLN A 140 -1.70 -3.24 11.23
C GLN A 140 -1.06 -1.94 10.77
N LYS A 141 -0.93 -0.98 11.69
CA LYS A 141 -0.33 0.31 11.38
C LYS A 141 1.11 0.19 10.95
N LYS A 142 1.88 -0.62 11.68
CA LYS A 142 3.28 -0.84 11.36
C LYS A 142 3.44 -1.48 9.99
N ALA A 143 2.55 -2.42 9.68
CA ALA A 143 2.49 -3.07 8.37
C ALA A 143 2.25 -2.05 7.26
N TYR A 144 1.35 -1.09 7.50
CA TYR A 144 1.05 -0.04 6.53
C TYR A 144 2.25 0.85 6.26
N ILE A 145 2.95 1.24 7.33
CA ILE A 145 4.15 2.05 7.21
C ILE A 145 5.26 1.32 6.46
N GLU A 146 5.36 0.01 6.68
CA GLU A 146 6.29 -0.85 5.98
C GLU A 146 6.08 -0.73 4.48
N ARG A 147 4.81 -0.72 4.09
CA ARG A 147 4.41 -0.66 2.69
C ARG A 147 4.90 0.61 2.02
N ILE A 148 4.66 1.73 2.69
CA ILE A 148 5.01 3.04 2.17
C ILE A 148 6.52 3.24 2.22
N GLY A 149 7.16 2.73 3.26
CA GLY A 149 8.61 2.78 3.34
C GLY A 149 9.23 2.06 2.15
N SER A 150 8.64 0.92 1.79
CA SER A 150 9.09 0.15 0.63
C SER A 150 8.88 0.91 -0.68
N GLU A 151 7.69 1.47 -0.85
CA GLU A 151 7.38 2.29 -2.02
C GLU A 151 8.39 3.41 -2.22
N CYS A 152 8.74 4.09 -1.13
CA CYS A 152 9.66 5.22 -1.18
C CYS A 152 11.11 4.79 -1.43
N GLN A 153 11.45 3.56 -1.07
CA GLN A 153 12.80 3.09 -1.30
C GLN A 153 12.93 2.66 -2.76
N ALA A 154 11.83 2.23 -3.34
CA ALA A 154 11.78 1.90 -4.77
C ALA A 154 11.86 3.13 -5.67
N GLU A 155 11.10 4.17 -5.33
CA GLU A 155 11.05 5.39 -6.12
C GLU A 155 12.17 6.34 -5.74
N ASP A 156 12.93 5.96 -4.73
CA ASP A 156 14.12 6.70 -4.31
C ASP A 156 13.75 8.13 -3.90
N LEU A 157 12.72 8.24 -3.06
CA LEU A 157 12.26 9.53 -2.55
C LEU A 157 12.25 9.48 -1.04
N PRO A 158 12.70 10.56 -0.41
CA PRO A 158 12.71 10.65 1.05
C PRO A 158 11.31 10.45 1.64
N PHE A 159 11.26 9.72 2.75
CA PHE A 159 10.01 9.41 3.38
C PHE A 159 9.91 10.20 4.68
N PHE A 160 8.96 11.14 4.72
CA PHE A 160 8.67 11.89 5.93
C PHE A 160 7.48 11.27 6.66
N LEU A 161 7.73 10.70 7.83
CA LEU A 161 6.64 10.20 8.64
C LEU A 161 6.27 11.19 9.74
N GLU A 162 5.06 11.74 9.66
CA GLU A 162 4.55 12.58 10.73
C GLU A 162 3.78 11.72 11.73
N ILE A 163 4.17 11.79 12.99
CA ILE A 163 3.49 11.03 14.04
C ILE A 163 2.73 11.97 14.97
N LEU A 164 1.41 11.81 15.03
CA LEU A 164 0.61 12.53 16.01
C LEU A 164 0.12 11.54 17.06
N THR A 165 0.55 11.75 18.30
CA THR A 165 0.20 10.83 19.38
C THR A 165 -1.18 11.13 19.94
N TYR A 166 -1.78 10.12 20.55
CA TYR A 166 -3.08 10.26 21.19
C TYR A 166 -3.26 9.11 22.16
N ASP A 167 -4.30 9.19 22.99
CA ASP A 167 -4.59 8.10 23.91
C ASP A 167 -5.99 7.60 23.63
N GLU A 168 -6.13 6.27 23.53
CA GLU A 168 -7.40 5.65 23.17
C GLU A 168 -8.51 5.94 24.17
N LYS A 169 -8.15 6.40 25.37
CA LYS A 169 -9.13 6.70 26.41
C LYS A 169 -9.16 8.17 26.80
N ILE A 170 -8.51 9.01 26.00
CA ILE A 170 -8.56 10.45 26.16
C ILE A 170 -8.91 11.15 24.85
N SER A 171 -10.02 11.89 24.84
CA SER A 171 -10.49 12.53 23.63
C SER A 171 -9.76 13.85 23.34
N ASP A 172 -9.36 14.55 24.40
CA ASP A 172 -8.74 15.87 24.25
C ASP A 172 -7.22 15.86 24.47
N ASN A 173 -6.47 16.13 23.42
CA ASN A 173 -5.01 16.16 23.52
C ASN A 173 -4.51 17.35 24.33
N SER A 174 -5.34 18.37 24.47
CA SER A 174 -4.93 19.58 25.18
C SER A 174 -5.28 19.54 26.68
N SER A 175 -5.84 18.42 27.13
CA SER A 175 -6.20 18.26 28.54
C SER A 175 -4.98 18.06 29.42
N ILE A 176 -5.15 18.23 30.72
CA ILE A 176 -4.09 17.98 31.68
C ILE A 176 -3.74 16.49 31.72
N ALA A 177 -4.76 15.65 31.64
CA ALA A 177 -4.57 14.21 31.69
C ALA A 177 -3.64 13.71 30.57
N PHE A 178 -3.79 14.27 29.37
CA PHE A 178 -2.95 13.87 28.24
C PHE A 178 -1.54 14.42 28.38
N ALA A 179 -1.44 15.63 28.95
CA ALA A 179 -0.14 16.27 29.11
C ALA A 179 0.75 15.46 30.05
N LYS A 180 0.12 14.60 30.86
CA LYS A 180 0.84 13.83 31.87
C LYS A 180 1.52 12.61 31.26
N VAL A 181 1.12 12.24 30.05
CA VAL A 181 1.63 11.06 29.38
C VAL A 181 2.21 11.36 28.00
N LYS A 182 2.17 12.62 27.59
CA LYS A 182 2.55 13.00 26.22
C LYS A 182 4.01 12.70 25.88
N ALA A 183 4.91 12.97 26.82
CA ALA A 183 6.34 12.71 26.58
C ALA A 183 6.58 11.24 26.27
N HIS A 184 5.97 10.37 27.07
CA HIS A 184 6.07 8.93 26.85
C HIS A 184 5.55 8.53 25.48
N LYS A 185 4.37 9.03 25.12
CA LYS A 185 3.74 8.71 23.84
C LYS A 185 4.65 9.09 22.66
N VAL A 186 5.12 10.33 22.67
CA VAL A 186 5.94 10.83 21.57
C VAL A 186 7.27 10.12 21.48
N ASN A 187 8.01 10.08 22.58
CA ASN A 187 9.34 9.49 22.59
C ASN A 187 9.38 8.00 22.22
N GLU A 188 8.45 7.20 22.75
CA GLU A 188 8.43 5.77 22.47
C GLU A 188 7.99 5.48 21.04
N ALA A 189 7.16 6.35 20.49
CA ALA A 189 6.74 6.21 19.10
C ALA A 189 7.93 6.45 18.18
N MET A 190 8.75 7.43 18.55
CA MET A 190 9.97 7.74 17.80
C MET A 190 10.92 6.55 17.82
N ARG A 191 11.02 5.87 18.97
CA ARG A 191 11.84 4.67 19.06
C ARG A 191 11.33 3.56 18.18
N VAL A 192 10.02 3.34 18.21
CA VAL A 192 9.37 2.30 17.42
C VAL A 192 9.66 2.46 15.93
N PHE A 193 9.47 3.66 15.42
CA PHE A 193 9.61 3.87 13.98
C PHE A 193 11.03 4.21 13.54
N SER A 194 11.97 4.15 14.47
CA SER A 194 13.39 4.27 14.11
C SER A 194 13.94 2.97 13.52
N ALA A 195 13.19 1.88 13.66
CA ALA A 195 13.60 0.58 13.13
C ALA A 195 13.82 0.65 11.63
N LYS A 196 14.83 -0.07 11.15
CA LYS A 196 15.24 -0.01 9.75
C LYS A 196 14.10 -0.48 8.86
N ARG A 197 13.27 -1.34 9.43
CA ARG A 197 12.15 -1.98 8.75
C ARG A 197 11.16 -1.03 8.08
N PHE A 198 11.05 0.19 8.61
CA PHE A 198 10.05 1.14 8.13
C PHE A 198 10.53 2.08 7.03
N GLY A 199 11.85 2.18 6.85
CA GLY A 199 12.43 2.95 5.77
C GLY A 199 12.20 4.45 5.79
N ILE A 200 12.03 4.99 6.98
CA ILE A 200 11.78 6.41 7.16
C ILE A 200 13.09 7.21 7.10
N ASP A 201 13.08 8.34 6.38
CA ASP A 201 14.26 9.19 6.27
C ASP A 201 14.26 10.35 7.27
N VAL A 202 13.10 10.95 7.50
CA VAL A 202 12.95 12.07 8.44
C VAL A 202 11.66 11.92 9.24
N LEU A 203 11.74 12.16 10.55
CA LEU A 203 10.56 12.15 11.40
C LEU A 203 9.99 13.55 11.60
N LYS A 204 8.68 13.69 11.43
CA LYS A 204 8.01 14.94 11.77
C LYS A 204 7.21 14.71 13.05
N VAL A 205 7.64 15.34 14.13
CA VAL A 205 7.10 15.04 15.46
C VAL A 205 6.68 16.28 16.23
N GLU A 206 5.90 16.07 17.28
CA GLU A 206 5.52 17.13 18.21
C GLU A 206 6.59 17.32 19.27
N VAL A 207 6.62 18.49 19.91
CA VAL A 207 7.42 18.67 21.10
C VAL A 207 6.89 17.70 22.16
N PRO A 208 7.78 17.12 22.98
CA PRO A 208 7.36 16.05 23.89
C PRO A 208 6.42 16.53 25.00
N LEU A 209 6.28 17.84 25.16
CA LEU A 209 5.43 18.39 26.22
C LEU A 209 4.32 19.28 25.70
N ASN A 210 3.38 19.60 26.58
CA ASN A 210 2.46 20.71 26.35
C ASN A 210 3.03 21.94 27.04
N MET A 211 3.59 22.86 26.25
CA MET A 211 4.31 24.00 26.80
C MET A 211 3.44 24.91 27.67
N ALA A 212 2.13 24.86 27.45
CA ALA A 212 1.19 25.66 28.24
C ALA A 212 1.12 25.22 29.70
N TYR A 213 1.84 24.15 30.04
CA TYR A 213 1.89 23.67 31.40
C TYR A 213 3.31 23.66 31.96
N VAL A 214 4.23 24.30 31.25
CA VAL A 214 5.64 24.33 31.65
C VAL A 214 5.95 25.62 32.39
N GLU A 215 6.68 25.49 33.50
CA GLU A 215 7.13 26.63 34.30
C GLU A 215 7.77 27.72 33.45
N GLY A 216 7.32 28.96 33.62
CA GLY A 216 7.85 30.09 32.88
C GLY A 216 7.01 30.43 31.66
N PHE A 217 6.39 29.41 31.08
CA PHE A 217 5.62 29.53 29.83
C PHE A 217 4.11 29.69 30.02
N THR A 218 3.64 29.44 31.24
CA THR A 218 2.20 29.45 31.48
C THR A 218 1.66 30.58 32.35
N GLU A 219 0.34 30.75 32.29
CA GLU A 219 -0.39 31.71 33.13
C GLU A 219 -1.37 30.99 34.05
N GLY A 220 -1.38 29.67 33.98
CA GLY A 220 -2.20 28.85 34.86
C GLY A 220 -1.41 27.79 35.59
N PRO A 221 -1.99 26.58 35.70
CA PRO A 221 -1.45 25.44 36.45
C PRO A 221 -0.16 24.91 35.85
N ILE A 222 0.78 24.50 36.69
CA ILE A 222 2.06 24.02 36.19
C ILE A 222 2.18 22.52 36.43
N LEU A 223 2.53 21.79 35.37
CA LEU A 223 2.77 20.35 35.44
C LEU A 223 4.25 20.00 35.46
N TYR A 224 5.05 20.81 34.77
CA TYR A 224 6.47 20.50 34.64
C TYR A 224 7.29 21.67 35.16
N SER A 225 8.32 21.37 35.96
CA SER A 225 9.36 22.36 36.22
C SER A 225 10.20 22.47 34.96
N LYS A 226 11.09 23.45 34.88
CA LYS A 226 11.93 23.57 33.69
C LYS A 226 12.94 22.42 33.60
N ALA A 227 13.33 21.84 34.74
CA ALA A 227 14.24 20.71 34.74
C ALA A 227 13.61 19.48 34.08
N ASP A 228 12.35 19.20 34.44
CA ASP A 228 11.61 18.07 33.88
C ASP A 228 11.34 18.23 32.39
N ALA A 229 11.11 19.47 31.98
CA ALA A 229 10.89 19.79 30.59
C ALA A 229 12.14 19.50 29.75
N ALA A 230 13.29 19.92 30.27
CA ALA A 230 14.57 19.67 29.61
C ALA A 230 14.85 18.18 29.53
N LEU A 231 14.47 17.44 30.57
CA LEU A 231 14.64 16.00 30.58
C LEU A 231 13.85 15.34 29.46
N ALA A 232 12.62 15.82 29.21
CA ALA A 232 11.78 15.31 28.14
C ALA A 232 12.42 15.50 26.77
N PHE A 233 12.99 16.69 26.56
CA PHE A 233 13.68 16.98 25.31
C PHE A 233 14.92 16.12 25.13
N LYS A 234 15.65 15.88 26.22
CA LYS A 234 16.81 14.98 26.19
C LYS A 234 16.40 13.55 25.86
N GLU A 235 15.29 13.10 26.44
CA GLU A 235 14.78 11.76 26.19
C GLU A 235 14.35 11.63 24.73
N GLN A 236 13.81 12.72 24.17
CA GLN A 236 13.39 12.75 22.78
C GLN A 236 14.59 12.62 21.83
N GLU A 237 15.72 13.21 22.23
CA GLU A 237 16.92 13.19 21.41
C GLU A 237 17.57 11.80 21.39
N ALA A 238 17.41 11.05 22.48
CA ALA A 238 17.97 9.71 22.58
C ALA A 238 17.08 8.65 21.96
N ALA A 239 15.87 9.06 21.60
CA ALA A 239 14.87 8.10 21.12
C ALA A 239 15.11 7.69 19.66
N SER A 240 15.91 8.46 18.94
CA SER A 240 16.12 8.17 17.53
C SER A 240 17.50 8.61 17.05
N HIS A 241 17.97 7.96 15.99
CA HIS A 241 19.20 8.34 15.30
C HIS A 241 18.83 9.19 14.09
N LEU A 242 17.56 9.17 13.73
CA LEU A 242 17.05 9.85 12.55
C LEU A 242 16.93 11.35 12.75
N PRO A 243 17.05 12.11 11.64
CA PRO A 243 16.69 13.52 11.69
C PRO A 243 15.24 13.69 12.11
N TYR A 244 14.94 14.73 12.89
CA TYR A 244 13.55 15.03 13.20
C TYR A 244 13.29 16.53 13.17
N ILE A 245 12.05 16.90 12.87
CA ILE A 245 11.63 18.31 12.82
C ILE A 245 10.32 18.50 13.57
N TYR A 246 10.06 19.73 14.01
CA TYR A 246 8.87 20.02 14.79
C TYR A 246 7.74 20.62 13.96
N LEU A 247 6.51 20.16 14.21
CA LEU A 247 5.32 20.82 13.71
C LEU A 247 4.87 21.83 14.78
N SER A 248 4.21 22.90 14.38
CA SER A 248 3.91 23.99 15.31
C SER A 248 2.69 23.72 16.19
N ALA A 249 1.83 22.81 15.73
CA ALA A 249 0.63 22.42 16.47
C ALA A 249 -0.32 23.59 16.72
N GLY A 250 -0.23 24.62 15.87
CA GLY A 250 -1.14 25.74 15.93
C GLY A 250 -0.99 26.72 17.08
N VAL A 251 0.15 26.69 17.76
CA VAL A 251 0.44 27.69 18.79
C VAL A 251 0.74 29.03 18.15
N SER A 252 0.83 30.08 18.96
CA SER A 252 1.18 31.40 18.47
C SER A 252 2.60 31.42 17.93
N ALA A 253 2.89 32.36 17.03
CA ALA A 253 4.22 32.47 16.44
C ALA A 253 5.30 32.65 17.51
N GLN A 254 5.03 33.55 18.46
CA GLN A 254 6.03 33.86 19.49
C GLN A 254 6.26 32.66 20.41
N LEU A 255 5.19 31.96 20.79
CA LEU A 255 5.33 30.77 21.62
C LEU A 255 6.14 29.67 20.93
N PHE A 256 5.88 29.48 19.64
CA PHE A 256 6.60 28.47 18.89
C PHE A 256 8.09 28.76 18.90
N GLN A 257 8.43 30.02 18.65
CA GLN A 257 9.82 30.44 18.68
C GLN A 257 10.44 30.28 20.07
N GLU A 258 9.66 30.56 21.12
CA GLU A 258 10.17 30.40 22.47
C GLU A 258 10.35 28.93 22.82
N THR A 259 9.52 28.07 22.23
CA THR A 259 9.63 26.63 22.44
C THR A 259 10.90 26.09 21.79
N LEU A 260 11.21 26.61 20.60
CA LEU A 260 12.41 26.21 19.86
C LEU A 260 13.68 26.62 20.59
N ILE A 261 13.71 27.82 21.14
CA ILE A 261 14.84 28.30 21.94
C ILE A 261 15.07 27.42 23.16
N PHE A 262 14.00 27.15 23.88
CA PHE A 262 14.04 26.26 25.03
C PHE A 262 14.53 24.87 24.65
N ALA A 263 14.01 24.36 23.54
CA ALA A 263 14.40 23.04 23.04
C ALA A 263 15.91 22.94 22.79
N ALA A 264 16.48 23.94 22.13
CA ALA A 264 17.91 23.97 21.85
C ALA A 264 18.73 24.07 23.14
N GLN A 265 18.28 24.91 24.08
CA GLN A 265 18.91 25.03 25.38
C GLN A 265 18.88 23.72 26.16
N SER A 266 17.82 22.93 25.96
CA SER A 266 17.67 21.66 26.68
C SER A 266 18.55 20.55 26.12
N GLY A 267 19.01 20.69 24.89
CA GLY A 267 19.90 19.70 24.30
C GLY A 267 19.31 18.99 23.10
N ALA A 268 18.14 19.45 22.67
CA ALA A 268 17.50 18.87 21.51
C ALA A 268 18.28 19.22 20.25
N THR A 269 18.45 18.24 19.38
CA THR A 269 19.15 18.44 18.13
C THR A 269 18.18 18.35 16.95
N PHE A 270 17.06 19.05 17.05
CA PHE A 270 16.07 19.07 15.98
C PHE A 270 16.67 19.70 14.74
N ASN A 271 16.25 19.24 13.57
CA ASN A 271 16.90 19.61 12.32
C ASN A 271 16.06 20.54 11.46
N GLY A 272 15.15 21.27 12.10
CA GLY A 272 14.32 22.23 11.41
C GLY A 272 12.87 22.12 11.84
N VAL A 273 11.98 22.72 11.05
CA VAL A 273 10.55 22.66 11.35
C VAL A 273 9.73 22.56 10.08
N LEU A 274 8.51 22.07 10.23
CA LEU A 274 7.50 22.18 9.18
C LEU A 274 6.34 22.96 9.75
N CYS A 275 6.40 24.27 9.59
CA CYS A 275 5.49 25.16 10.32
C CYS A 275 4.38 25.69 9.44
N GLY A 276 3.15 25.60 9.94
CA GLY A 276 1.97 26.03 9.21
C GLY A 276 1.21 27.14 9.92
N ARG A 277 0.23 26.76 10.72
CA ARG A 277 -0.70 27.70 11.34
C ARG A 277 -0.02 28.75 12.23
N ALA A 278 1.11 28.41 12.84
CA ALA A 278 1.79 29.39 13.67
C ALA A 278 2.32 30.56 12.84
N THR A 279 2.52 30.32 11.55
CA THR A 279 2.99 31.37 10.64
C THR A 279 1.84 32.16 10.01
N TRP A 280 0.87 31.45 9.43
CA TRP A 280 -0.15 32.11 8.61
C TRP A 280 -1.59 32.07 9.12
N ALA A 281 -1.84 31.57 10.33
CA ALA A 281 -3.22 31.35 10.83
C ALA A 281 -4.16 32.53 10.65
N ASP A 282 -3.68 33.72 10.97
CA ASP A 282 -4.55 34.89 10.97
C ASP A 282 -5.03 35.31 9.58
N VAL A 283 -4.41 34.81 8.52
CA VAL A 283 -4.77 35.21 7.17
C VAL A 283 -6.13 34.65 6.73
N VAL A 284 -6.56 33.58 7.39
CA VAL A 284 -7.83 32.94 7.04
C VAL A 284 -8.98 33.90 7.30
N SER A 285 -9.00 34.46 8.50
CA SER A 285 -10.00 35.45 8.87
C SER A 285 -9.94 36.65 7.93
N VAL A 286 -8.73 37.12 7.64
CA VAL A 286 -8.58 38.29 6.78
C VAL A 286 -9.09 38.01 5.36
N TYR A 287 -8.70 36.87 4.81
CA TYR A 287 -9.12 36.47 3.46
C TYR A 287 -10.62 36.37 3.30
N ILE A 288 -11.29 35.76 4.27
CA ILE A 288 -12.73 35.53 4.19
C ILE A 288 -13.56 36.80 4.39
N LYS A 289 -13.15 37.61 5.35
CA LYS A 289 -13.94 38.78 5.76
C LYS A 289 -13.64 40.07 4.98
N GLU A 290 -12.38 40.28 4.59
CA GLU A 290 -12.02 41.54 3.93
C GLU A 290 -11.50 41.34 2.49
N GLY A 291 -11.43 40.10 2.04
CA GLY A 291 -11.12 39.83 0.66
C GLY A 291 -9.69 39.41 0.37
N GLU A 292 -9.41 39.15 -0.91
CA GLU A 292 -8.13 38.61 -1.35
C GLU A 292 -6.98 39.62 -1.25
N ALA A 293 -7.21 40.84 -1.69
CA ALA A 293 -6.18 41.88 -1.68
C ALA A 293 -5.72 42.19 -0.26
N ALA A 294 -6.68 42.25 0.67
CA ALA A 294 -6.40 42.46 2.08
C ALA A 294 -5.54 41.33 2.62
N ALA A 295 -5.88 40.10 2.23
CA ALA A 295 -5.11 38.92 2.61
C ALA A 295 -3.68 39.00 2.09
N ARG A 296 -3.55 39.45 0.84
CA ARG A 296 -2.25 39.62 0.19
C ARG A 296 -1.33 40.55 0.97
N GLN A 297 -1.89 41.62 1.54
CA GLN A 297 -1.07 42.59 2.26
C GLN A 297 -0.79 42.16 3.70
N TRP A 298 -1.64 41.32 4.27
CA TRP A 298 -1.34 40.71 5.57
C TRP A 298 -0.11 39.84 5.42
N LEU A 299 -0.09 39.05 4.35
CA LEU A 299 1.00 38.14 4.09
C LEU A 299 2.29 38.89 3.79
N ARG A 300 2.18 40.04 3.15
CA ARG A 300 3.36 40.82 2.80
C ARG A 300 3.97 41.56 3.98
N GLN A 301 3.24 41.64 5.08
CA GLN A 301 3.67 42.41 6.24
C GLN A 301 3.89 41.52 7.45
N GLU A 302 2.78 41.15 8.07
CA GLU A 302 2.85 40.40 9.31
C GLU A 302 3.21 38.93 9.05
N GLY A 303 2.88 38.44 7.86
CA GLY A 303 3.25 37.10 7.46
C GLY A 303 4.74 36.97 7.24
N VAL A 304 5.30 37.92 6.50
CA VAL A 304 6.72 37.92 6.19
C VAL A 304 7.55 38.08 7.47
N LYS A 305 7.00 38.83 8.43
CA LYS A 305 7.72 39.08 9.66
C LYS A 305 7.65 37.87 10.59
N ASN A 306 6.55 37.13 10.52
CA ASN A 306 6.47 35.84 11.20
C ASN A 306 7.53 34.86 10.72
N ILE A 307 7.58 34.67 9.41
CA ILE A 307 8.44 33.63 8.84
C ILE A 307 9.91 34.02 8.86
N GLU A 308 10.20 35.32 8.74
CA GLU A 308 11.58 35.80 8.87
C GLU A 308 12.09 35.69 10.31
N SER A 309 11.22 35.97 11.27
CA SER A 309 11.56 35.82 12.68
C SER A 309 11.90 34.36 12.95
N LEU A 310 11.09 33.47 12.41
CA LEU A 310 11.29 32.03 12.52
C LEU A 310 12.64 31.60 11.97
N ASN A 311 12.99 32.09 10.78
CA ASN A 311 14.28 31.77 10.17
C ASN A 311 15.45 32.24 11.04
N ASP A 312 15.30 33.42 11.63
CA ASP A 312 16.29 33.97 12.55
C ASP A 312 16.51 33.03 13.74
N VAL A 313 15.41 32.57 14.31
CA VAL A 313 15.45 31.64 15.44
C VAL A 313 16.07 30.29 15.03
N LEU A 314 15.63 29.76 13.89
CA LEU A 314 16.13 28.48 13.39
C LEU A 314 17.65 28.49 13.15
N ALA A 315 18.18 29.60 12.66
CA ALA A 315 19.60 29.70 12.35
C ALA A 315 20.50 29.63 13.59
N LYS A 316 19.92 29.78 14.77
CA LYS A 316 20.72 29.76 15.99
C LYS A 316 20.32 28.63 16.93
N THR A 317 19.31 27.84 16.55
CA THR A 317 18.79 26.80 17.42
C THR A 317 18.76 25.42 16.77
N ALA A 318 18.49 25.37 15.47
CA ALA A 318 18.38 24.10 14.76
C ALA A 318 19.75 23.55 14.38
N SER A 319 19.86 22.22 14.30
CA SER A 319 21.10 21.55 13.92
C SER A 319 20.98 20.88 12.55
N PRO A 320 22.07 20.89 11.76
CA PRO A 320 22.00 20.30 10.42
C PRO A 320 21.85 18.79 10.44
N TRP A 321 21.03 18.25 9.52
CA TRP A 321 20.81 16.81 9.45
C TRP A 321 22.01 16.06 8.88
N THR A 322 22.99 16.82 8.37
CA THR A 322 24.17 16.24 7.74
C THR A 322 25.00 15.50 8.80
N ASN A 323 24.81 15.90 10.05
CA ASN A 323 25.51 15.30 11.18
C ASN A 323 24.93 13.94 11.54
N LYS A 324 23.73 13.67 11.05
CA LYS A 324 23.01 12.43 11.35
C LYS A 324 23.00 11.50 10.14
N VAL A 325 23.44 12.02 9.00
CA VAL A 325 23.54 11.25 7.76
C VAL A 325 24.99 11.14 7.26
N LEU A 326 25.56 9.96 7.43
CA LEU A 326 26.98 9.68 7.24
C LEU A 326 27.44 9.91 5.80
N SER B 5 17.18 -8.01 -9.03
CA SER B 5 18.48 -8.66 -8.88
C SER B 5 18.32 -10.15 -8.58
N ASN B 6 17.75 -10.48 -7.44
CA ASN B 6 17.52 -11.88 -7.08
C ASN B 6 16.14 -12.36 -7.51
N LYS B 7 15.48 -11.58 -8.36
CA LYS B 7 14.16 -11.95 -8.85
C LYS B 7 14.24 -13.25 -9.64
N LYS B 8 15.36 -13.48 -10.31
CA LYS B 8 15.48 -14.69 -11.11
C LYS B 8 15.82 -15.89 -10.20
N ALA B 9 16.51 -15.61 -9.08
CA ALA B 9 16.81 -16.64 -8.09
C ALA B 9 15.53 -17.16 -7.44
N TYR B 10 14.68 -16.22 -7.04
CA TYR B 10 13.37 -16.55 -6.48
C TYR B 10 12.46 -17.22 -7.52
N LEU B 11 12.49 -16.71 -8.74
CA LEU B 11 11.68 -17.27 -9.82
C LEU B 11 12.09 -18.72 -10.11
N GLU B 12 13.38 -18.99 -9.99
CA GLU B 12 13.88 -20.34 -10.16
C GLU B 12 13.41 -21.29 -9.06
N LYS B 13 13.23 -20.77 -7.85
CA LYS B 13 12.77 -21.61 -6.74
C LYS B 13 11.31 -22.06 -6.87
N VAL B 14 10.50 -21.30 -7.60
CA VAL B 14 9.11 -21.68 -7.82
C VAL B 14 8.92 -22.37 -9.17
N SER B 15 10.01 -22.57 -9.90
CA SER B 15 9.94 -23.23 -11.19
C SER B 15 10.68 -24.56 -11.14
N ARG B 16 10.58 -25.30 -12.23
CA ARG B 16 11.33 -26.53 -12.40
C ARG B 16 11.62 -26.70 -13.90
N ASP B 17 12.88 -26.51 -14.28
CA ASP B 17 13.34 -26.53 -15.68
C ASP B 17 12.73 -25.35 -16.43
N GLY B 18 12.61 -24.22 -15.73
CA GLY B 18 12.05 -23.02 -16.31
C GLY B 18 10.54 -23.10 -16.55
N ILE B 19 9.90 -24.13 -16.03
CA ILE B 19 8.44 -24.23 -16.12
C ILE B 19 7.79 -24.20 -14.73
N ILE B 20 6.77 -23.36 -14.57
CA ILE B 20 6.04 -23.29 -13.31
C ILE B 20 4.91 -24.32 -13.27
N SER B 21 5.14 -25.42 -12.57
CA SER B 21 4.14 -26.46 -12.38
C SER B 21 3.67 -26.39 -10.94
N ALA B 22 2.80 -25.44 -10.65
CA ALA B 22 2.49 -25.08 -9.28
C ALA B 22 1.12 -25.55 -8.82
N LEU B 23 1.02 -25.83 -7.52
CA LEU B 23 -0.23 -26.27 -6.92
C LEU B 23 -0.87 -25.11 -6.17
N ALA B 24 -2.11 -24.80 -6.52
CA ALA B 24 -2.77 -23.65 -5.92
C ALA B 24 -3.74 -24.13 -4.86
N PHE B 25 -3.60 -23.61 -3.64
CA PHE B 25 -4.63 -23.85 -2.64
C PHE B 25 -4.66 -22.64 -1.71
N ASP B 26 -5.11 -21.52 -2.27
CA ASP B 26 -5.31 -20.29 -1.53
C ASP B 26 -6.78 -20.07 -1.25
N GLN B 27 -7.62 -20.96 -1.79
CA GLN B 27 -9.06 -20.74 -1.77
C GLN B 27 -9.59 -20.61 -0.36
N ARG B 28 -10.46 -19.63 -0.16
CA ARG B 28 -10.97 -19.29 1.16
C ARG B 28 -12.50 -19.37 1.14
N GLY B 29 -13.14 -18.36 0.57
CA GLY B 29 -14.59 -18.39 0.40
C GLY B 29 -15.03 -19.64 -0.33
N ALA B 30 -14.35 -19.96 -1.43
CA ALA B 30 -14.66 -21.14 -2.25
C ALA B 30 -14.52 -22.46 -1.48
N LEU B 31 -13.50 -22.54 -0.63
CA LEU B 31 -13.26 -23.76 0.14
C LEU B 31 -14.34 -24.06 1.16
N LYS B 32 -14.85 -23.03 1.85
CA LYS B 32 -15.89 -23.27 2.84
C LYS B 32 -17.24 -23.52 2.18
N ARG B 33 -17.39 -23.09 0.93
CA ARG B 33 -18.59 -23.44 0.17
C ARG B 33 -18.58 -24.91 -0.21
N MET B 34 -17.41 -25.39 -0.63
CA MET B 34 -17.21 -26.79 -0.96
C MET B 34 -17.44 -27.68 0.26
N MET B 35 -16.88 -27.26 1.39
CA MET B 35 -17.01 -27.98 2.65
C MET B 35 -18.42 -27.98 3.22
N ALA B 36 -19.09 -26.83 3.12
CA ALA B 36 -20.43 -26.68 3.68
C ALA B 36 -21.43 -27.61 2.99
N SER B 37 -21.19 -27.89 1.70
CA SER B 37 -22.07 -28.75 0.92
C SER B 37 -22.10 -30.20 1.43
N HIS B 38 -21.08 -30.62 2.18
CA HIS B 38 -20.97 -32.01 2.61
C HIS B 38 -21.25 -32.24 4.09
N GLN B 39 -21.71 -31.21 4.80
CA GLN B 39 -21.97 -31.34 6.23
C GLN B 39 -22.98 -30.31 6.74
N LYS B 40 -23.62 -30.62 7.87
CA LYS B 40 -24.66 -29.78 8.45
C LYS B 40 -24.12 -28.49 9.04
N GLU B 41 -22.91 -28.57 9.59
CA GLU B 41 -22.31 -27.47 10.35
C GLU B 41 -21.48 -26.53 9.48
N GLU B 42 -21.08 -25.40 10.06
CA GLU B 42 -20.20 -24.46 9.39
C GLU B 42 -18.76 -24.96 9.50
N PRO B 43 -17.97 -24.77 8.42
CA PRO B 43 -16.61 -25.31 8.40
C PRO B 43 -15.72 -24.60 9.41
N THR B 44 -14.94 -25.34 10.17
CA THR B 44 -14.19 -24.79 11.28
C THR B 44 -12.80 -24.36 10.84
N THR B 45 -12.17 -23.50 11.64
CA THR B 45 -10.81 -23.06 11.36
C THR B 45 -9.88 -24.27 11.39
N GLU B 46 -10.16 -25.18 12.34
CA GLU B 46 -9.47 -26.48 12.41
C GLU B 46 -9.47 -27.24 11.11
N GLN B 47 -10.66 -27.37 10.53
CA GLN B 47 -10.87 -28.17 9.33
C GLN B 47 -10.11 -27.60 8.14
N ILE B 48 -10.21 -26.29 7.95
CA ILE B 48 -9.54 -25.62 6.85
C ILE B 48 -8.04 -25.73 6.99
N VAL B 49 -7.54 -25.41 8.18
CA VAL B 49 -6.11 -25.48 8.45
C VAL B 49 -5.58 -26.90 8.27
N SER B 50 -6.29 -27.89 8.80
CA SER B 50 -5.83 -29.27 8.74
C SER B 50 -5.80 -29.80 7.31
N LEU B 51 -6.82 -29.44 6.53
CA LEU B 51 -6.90 -29.90 5.15
C LEU B 51 -5.77 -29.31 4.30
N LYS B 52 -5.48 -28.04 4.53
CA LYS B 52 -4.41 -27.36 3.79
C LYS B 52 -3.06 -27.97 4.16
N ARG B 53 -2.91 -28.32 5.44
CA ARG B 53 -1.69 -28.94 5.95
C ARG B 53 -1.50 -30.31 5.33
N LEU B 54 -2.63 -30.97 5.08
CA LEU B 54 -2.65 -32.31 4.54
C LEU B 54 -2.30 -32.31 3.05
N VAL B 55 -2.92 -31.41 2.29
CA VAL B 55 -2.66 -31.29 0.86
C VAL B 55 -1.22 -30.86 0.59
N SER B 56 -0.72 -29.96 1.43
CA SER B 56 0.66 -29.49 1.33
C SER B 56 1.64 -30.62 1.61
N GLU B 57 1.36 -31.41 2.64
CA GLU B 57 2.22 -32.54 3.00
C GLU B 57 2.35 -33.56 1.88
N GLU B 58 1.22 -33.88 1.24
CA GLU B 58 1.18 -35.01 0.33
C GLU B 58 1.39 -34.70 -1.16
N LEU B 59 1.10 -33.48 -1.59
CA LEU B 59 1.16 -33.20 -3.04
C LEU B 59 2.32 -32.31 -3.45
N THR B 60 2.88 -31.57 -2.51
CA THR B 60 4.03 -30.70 -2.80
C THR B 60 5.30 -31.41 -3.28
N PRO B 61 5.49 -32.70 -2.93
CA PRO B 61 6.63 -33.36 -3.58
C PRO B 61 6.52 -33.45 -5.10
N TYR B 62 5.34 -33.21 -5.65
CA TYR B 62 5.11 -33.36 -7.08
C TYR B 62 4.85 -32.02 -7.76
N ALA B 63 5.05 -30.93 -7.03
CA ALA B 63 4.87 -29.59 -7.57
C ALA B 63 6.16 -28.78 -7.43
N SER B 64 6.31 -27.74 -8.26
CA SER B 64 7.49 -26.91 -8.21
C SER B 64 7.33 -25.84 -7.14
N SER B 65 6.08 -25.57 -6.78
CA SER B 65 5.75 -24.58 -5.77
C SER B 65 4.30 -24.74 -5.32
N ILE B 66 3.95 -24.06 -4.23
CA ILE B 66 2.56 -24.04 -3.77
C ILE B 66 2.12 -22.61 -3.45
N LEU B 67 0.90 -22.27 -3.85
CA LEU B 67 0.32 -20.99 -3.49
C LEU B 67 -0.56 -21.15 -2.25
N LEU B 68 -0.30 -20.33 -1.24
CA LEU B 68 -1.07 -20.38 -0.01
C LEU B 68 -1.53 -18.99 0.41
N ASP B 69 -2.50 -18.94 1.32
CA ASP B 69 -2.99 -17.67 1.87
C ASP B 69 -2.54 -17.53 3.33
N PRO B 70 -2.22 -16.31 3.76
CA PRO B 70 -1.75 -16.06 5.13
C PRO B 70 -2.83 -16.27 6.21
N GLU B 71 -4.09 -16.31 5.80
CA GLU B 71 -5.20 -16.45 6.72
C GLU B 71 -5.29 -17.86 7.33
N TYR B 72 -5.14 -18.88 6.50
CA TYR B 72 -5.23 -20.27 6.98
C TYR B 72 -4.02 -21.11 6.61
N GLY B 73 -3.17 -20.59 5.74
CA GLY B 73 -2.14 -21.40 5.12
C GLY B 73 -0.76 -21.37 5.76
N LEU B 74 -0.58 -20.57 6.80
CA LEU B 74 0.72 -20.49 7.46
C LEU B 74 1.18 -21.80 8.12
N PRO B 75 0.27 -22.54 8.79
CA PRO B 75 0.69 -23.87 9.27
C PRO B 75 1.08 -24.84 8.17
N ALA B 76 0.47 -24.70 6.98
CA ALA B 76 0.80 -25.54 5.83
C ALA B 76 2.21 -25.33 5.31
N ILE B 77 2.73 -24.12 5.44
CA ILE B 77 4.08 -23.78 4.95
C ILE B 77 5.21 -24.67 5.50
N GLU B 78 5.14 -24.97 6.79
CA GLU B 78 6.18 -25.74 7.49
C GLU B 78 6.18 -27.26 7.22
N VAL B 79 5.13 -27.77 6.59
CA VAL B 79 5.02 -29.21 6.34
C VAL B 79 5.22 -29.50 4.86
N LYS B 80 5.48 -28.43 4.13
CA LYS B 80 5.66 -28.46 2.68
C LYS B 80 7.03 -29.04 2.29
N ASP B 81 7.13 -29.58 1.07
CA ASP B 81 8.39 -30.17 0.57
C ASP B 81 9.48 -29.11 0.41
N GLN B 82 10.72 -29.52 0.66
CA GLN B 82 11.84 -28.59 0.70
C GLN B 82 12.27 -28.21 -0.72
N LYS B 83 11.66 -28.86 -1.70
CA LYS B 83 11.93 -28.55 -3.09
C LYS B 83 10.90 -27.66 -3.73
N ALA B 84 9.84 -27.37 -2.98
CA ALA B 84 8.74 -26.55 -3.48
C ALA B 84 8.92 -25.10 -3.10
N GLY B 85 8.72 -24.21 -4.06
CA GLY B 85 8.76 -22.79 -3.79
C GLY B 85 7.48 -22.40 -3.08
N LEU B 86 7.39 -21.15 -2.66
CA LEU B 86 6.20 -20.68 -1.96
C LEU B 86 5.70 -19.36 -2.52
N LEU B 87 4.42 -19.32 -2.88
CA LEU B 87 3.75 -18.08 -3.24
C LEU B 87 2.69 -17.76 -2.19
N LEU B 88 2.56 -16.49 -1.83
CA LEU B 88 1.53 -16.10 -0.88
C LEU B 88 0.58 -15.07 -1.47
N ALA B 89 -0.70 -15.22 -1.15
CA ALA B 89 -1.71 -14.28 -1.61
C ALA B 89 -1.69 -13.06 -0.72
N TYR B 90 -1.94 -11.89 -1.32
CA TYR B 90 -1.79 -10.62 -0.63
C TYR B 90 -3.14 -9.93 -0.45
N GLU B 91 -4.10 -10.28 -1.30
CA GLU B 91 -5.37 -9.57 -1.32
C GLU B 91 -6.43 -10.21 -0.42
N LYS B 92 -7.39 -9.39 0.00
CA LYS B 92 -8.58 -9.89 0.68
C LYS B 92 -9.44 -10.66 -0.30
N THR B 93 -10.13 -11.69 0.20
CA THR B 93 -10.93 -12.55 -0.65
C THR B 93 -12.28 -11.92 -1.02
N GLY B 94 -12.70 -12.15 -2.26
CA GLY B 94 -14.02 -11.74 -2.73
C GLY B 94 -14.19 -10.31 -3.15
N TYR B 95 -15.45 -9.91 -3.32
CA TYR B 95 -15.81 -8.58 -3.80
C TYR B 95 -17.28 -8.32 -3.48
N ASP B 96 -17.65 -7.05 -3.41
CA ASP B 96 -19.02 -6.65 -3.08
C ASP B 96 -19.93 -6.74 -4.31
N ALA B 97 -20.82 -7.72 -4.30
CA ALA B 97 -21.72 -7.98 -5.42
C ALA B 97 -22.75 -6.86 -5.66
N LYS B 98 -22.82 -5.91 -4.73
CA LYS B 98 -23.81 -4.83 -4.83
C LYS B 98 -23.29 -3.65 -5.65
N THR B 99 -22.00 -3.67 -6.00
CA THR B 99 -21.41 -2.71 -6.92
C THR B 99 -20.57 -3.41 -7.98
N SER B 100 -20.22 -2.70 -9.04
CA SER B 100 -19.49 -3.29 -10.15
C SER B 100 -18.02 -2.86 -10.15
N SER B 101 -17.65 -2.08 -9.15
CA SER B 101 -16.30 -1.51 -9.11
C SER B 101 -15.27 -2.57 -8.71
N ARG B 102 -15.64 -3.43 -7.76
CA ARG B 102 -14.77 -4.51 -7.29
C ARG B 102 -13.35 -4.03 -6.99
N LEU B 103 -13.23 -3.07 -6.08
CA LEU B 103 -11.93 -2.50 -5.78
C LEU B 103 -11.07 -3.48 -5.01
N PRO B 104 -9.74 -3.44 -5.23
CA PRO B 104 -8.78 -4.34 -4.59
C PRO B 104 -8.38 -3.88 -3.19
N ASP B 105 -8.02 -4.82 -2.31
CA ASP B 105 -7.54 -4.47 -0.98
C ASP B 105 -6.60 -5.51 -0.42
N CYS B 106 -5.46 -5.06 0.10
CA CYS B 106 -4.49 -5.93 0.75
C CYS B 106 -4.96 -6.38 2.14
N LEU B 107 -4.50 -7.54 2.57
CA LEU B 107 -4.72 -7.99 3.95
C LEU B 107 -4.14 -6.97 4.92
N GLU B 108 -4.92 -6.66 5.94
CA GLU B 108 -4.64 -5.55 6.83
C GLU B 108 -3.36 -5.78 7.62
N ASP B 109 -3.08 -7.05 7.92
CA ASP B 109 -1.98 -7.43 8.81
C ASP B 109 -0.66 -7.60 8.08
N TRP B 110 -0.67 -7.43 6.77
CA TRP B 110 0.50 -7.82 5.99
C TRP B 110 1.10 -6.73 5.10
N SER B 111 2.37 -6.94 4.80
CA SER B 111 3.10 -6.18 3.81
C SER B 111 3.98 -7.16 3.07
N VAL B 112 4.57 -6.74 1.95
CA VAL B 112 5.46 -7.64 1.21
C VAL B 112 6.67 -8.00 2.07
N LYS B 113 7.14 -7.04 2.88
CA LYS B 113 8.17 -7.32 3.89
C LYS B 113 7.76 -8.47 4.81
N GLY B 114 6.55 -8.39 5.35
CA GLY B 114 6.04 -9.39 6.26
C GLY B 114 5.84 -10.73 5.59
N LEU B 115 5.37 -10.69 4.34
CA LEU B 115 5.17 -11.90 3.56
C LEU B 115 6.49 -12.56 3.21
N LYS B 116 7.48 -11.75 2.88
CA LYS B 116 8.82 -12.26 2.61
C LYS B 116 9.40 -12.97 3.84
N ALA B 117 9.20 -12.37 5.01
CA ALA B 117 9.69 -12.93 6.27
C ALA B 117 9.02 -14.27 6.62
N ALA B 118 7.77 -14.44 6.19
CA ALA B 118 7.03 -15.67 6.48
C ALA B 118 7.47 -16.82 5.58
N GLY B 119 8.28 -16.51 4.56
CA GLY B 119 8.86 -17.54 3.72
C GLY B 119 8.51 -17.46 2.24
N ALA B 120 7.80 -16.40 1.86
CA ALA B 120 7.36 -16.23 0.48
C ALA B 120 8.55 -16.07 -0.48
N ASP B 121 8.44 -16.72 -1.64
CA ASP B 121 9.44 -16.57 -2.71
C ASP B 121 8.89 -15.63 -3.79
N ALA B 122 7.59 -15.35 -3.71
CA ALA B 122 6.90 -14.52 -4.68
C ALA B 122 5.56 -14.08 -4.11
N ILE B 123 5.04 -12.98 -4.64
CA ILE B 123 3.79 -12.44 -4.15
C ILE B 123 2.72 -12.49 -5.21
N ARG B 124 1.53 -12.95 -4.82
CA ARG B 124 0.40 -12.95 -5.73
C ARG B 124 -0.66 -11.96 -5.28
N PHE B 125 -1.09 -11.11 -6.20
CA PHE B 125 -2.25 -10.25 -5.98
C PHE B 125 -3.32 -10.52 -7.02
N LEU B 126 -4.54 -10.72 -6.56
CA LEU B 126 -5.65 -10.97 -7.46
C LEU B 126 -6.43 -9.69 -7.71
N LEU B 127 -6.57 -9.33 -8.97
CA LEU B 127 -7.31 -8.14 -9.34
C LEU B 127 -8.45 -8.47 -10.30
N TYR B 128 -9.64 -7.96 -10.01
CA TYR B 128 -10.74 -8.01 -10.98
C TYR B 128 -10.61 -6.81 -11.89
N TYR B 129 -10.66 -7.03 -13.21
CA TYR B 129 -10.49 -5.91 -14.14
C TYR B 129 -11.44 -5.93 -15.34
N ASP B 130 -12.05 -4.78 -15.59
CA ASP B 130 -12.83 -4.54 -16.79
C ASP B 130 -12.15 -3.41 -17.57
N VAL B 131 -11.56 -3.75 -18.72
CA VAL B 131 -10.87 -2.76 -19.53
C VAL B 131 -11.81 -1.68 -20.07
N ASP B 132 -13.08 -2.02 -20.22
CA ASP B 132 -14.07 -1.09 -20.77
C ASP B 132 -14.90 -0.36 -19.71
N GLY B 133 -14.57 -0.57 -18.44
CA GLY B 133 -15.38 0.00 -17.37
C GLY B 133 -15.07 1.46 -17.07
N ASN B 134 -15.70 1.98 -16.02
CA ASN B 134 -15.45 3.33 -15.54
C ASN B 134 -13.95 3.53 -15.30
N GLU B 135 -13.38 4.58 -15.87
CA GLU B 135 -11.92 4.70 -15.84
C GLU B 135 -11.47 5.62 -14.71
N ALA B 136 -12.42 5.99 -13.85
CA ALA B 136 -12.09 6.51 -12.55
C ALA B 136 -11.80 5.34 -11.62
N VAL B 137 -12.61 4.28 -11.76
CA VAL B 137 -12.38 3.02 -11.06
C VAL B 137 -11.04 2.42 -11.48
N ASN B 138 -10.80 2.36 -12.79
CA ASN B 138 -9.57 1.77 -13.30
C ASN B 138 -8.34 2.59 -12.95
N HIS B 139 -8.51 3.91 -12.81
CA HIS B 139 -7.43 4.76 -12.35
C HIS B 139 -6.96 4.34 -10.95
N GLN B 140 -7.91 4.17 -10.04
CA GLN B 140 -7.60 3.76 -8.67
C GLN B 140 -6.93 2.39 -8.62
N LYS B 141 -7.42 1.46 -9.44
CA LYS B 141 -6.88 0.11 -9.50
C LYS B 141 -5.43 0.10 -9.95
N LYS B 142 -5.13 0.84 -11.01
CA LYS B 142 -3.79 0.94 -11.55
C LYS B 142 -2.84 1.58 -10.54
N ALA B 143 -3.34 2.58 -9.82
CA ALA B 143 -2.60 3.22 -8.74
C ALA B 143 -2.23 2.21 -7.65
N TYR B 144 -3.17 1.33 -7.32
CA TYR B 144 -2.96 0.28 -6.32
C TYR B 144 -1.91 -0.73 -6.76
N ILE B 145 -1.99 -1.18 -8.02
CA ILE B 145 -1.01 -2.13 -8.55
C ILE B 145 0.38 -1.49 -8.59
N GLU B 146 0.43 -0.19 -8.90
CA GLU B 146 1.66 0.57 -8.87
C GLU B 146 2.30 0.51 -7.49
N ARG B 147 1.47 0.64 -6.46
CA ARG B 147 1.94 0.61 -5.07
C ARG B 147 2.58 -0.72 -4.73
N ILE B 148 1.92 -1.80 -5.11
CA ILE B 148 2.38 -3.15 -4.80
C ILE B 148 3.60 -3.53 -5.62
N GLY B 149 3.62 -3.11 -6.87
CA GLY B 149 4.77 -3.33 -7.74
C GLY B 149 6.03 -2.70 -7.18
N SER B 150 5.88 -1.49 -6.63
CA SER B 150 7.00 -0.78 -6.02
C SER B 150 7.51 -1.52 -4.79
N GLU B 151 6.57 -1.98 -3.95
CA GLU B 151 6.88 -2.82 -2.80
C GLU B 151 7.73 -4.02 -3.19
N CYS B 152 7.37 -4.68 -4.29
CA CYS B 152 8.07 -5.88 -4.74
C CYS B 152 9.45 -5.62 -5.34
N GLN B 153 9.69 -4.43 -5.87
CA GLN B 153 11.01 -4.11 -6.39
C GLN B 153 11.95 -3.71 -5.24
N ALA B 154 11.37 -3.15 -4.18
CA ALA B 154 12.09 -2.84 -2.96
C ALA B 154 12.47 -4.12 -2.21
N GLU B 155 11.51 -5.05 -2.10
CA GLU B 155 11.72 -6.29 -1.37
C GLU B 155 12.37 -7.35 -2.24
N ASP B 156 12.53 -7.02 -3.52
CA ASP B 156 13.24 -7.85 -4.48
C ASP B 156 12.56 -9.24 -4.59
N LEU B 157 11.24 -9.21 -4.76
CA LEU B 157 10.46 -10.44 -4.92
C LEU B 157 9.61 -10.39 -6.18
N PRO B 158 9.55 -11.51 -6.92
CA PRO B 158 8.73 -11.58 -8.13
C PRO B 158 7.26 -11.29 -7.84
N PHE B 159 6.64 -10.52 -8.72
CA PHE B 159 5.27 -10.09 -8.54
C PHE B 159 4.35 -10.80 -9.54
N PHE B 160 3.48 -11.66 -9.03
CA PHE B 160 2.48 -12.34 -9.83
C PHE B 160 1.15 -11.58 -9.79
N LEU B 161 0.74 -11.02 -10.91
CA LEU B 161 -0.56 -10.36 -10.96
C LEU B 161 -1.57 -11.30 -11.60
N GLU B 162 -2.55 -11.73 -10.81
CA GLU B 162 -3.64 -12.52 -11.35
C GLU B 162 -4.77 -11.60 -11.80
N ILE B 163 -5.15 -11.71 -13.06
CA ILE B 163 -6.22 -10.89 -13.59
C ILE B 163 -7.44 -11.73 -13.88
N LEU B 164 -8.53 -11.43 -13.19
CA LEU B 164 -9.81 -12.06 -13.46
C LEU B 164 -10.71 -11.03 -14.12
N THR B 165 -11.09 -11.29 -15.36
CA THR B 165 -11.90 -10.33 -16.11
C THR B 165 -13.41 -10.44 -15.81
N TYR B 166 -14.11 -9.34 -16.05
CA TYR B 166 -15.54 -9.27 -15.88
C TYR B 166 -16.09 -8.06 -16.63
N ASP B 167 -17.41 -8.00 -16.76
CA ASP B 167 -18.07 -6.85 -17.40
C ASP B 167 -19.02 -6.21 -16.40
N GLU B 168 -18.94 -4.89 -16.26
CA GLU B 168 -19.71 -4.19 -15.24
C GLU B 168 -21.23 -4.33 -15.42
N LYS B 169 -21.68 -4.77 -16.60
CA LYS B 169 -23.11 -4.94 -16.85
C LYS B 169 -23.48 -6.39 -17.17
N ILE B 170 -22.56 -7.31 -16.89
CA ILE B 170 -22.83 -8.73 -16.99
C ILE B 170 -22.45 -9.40 -15.68
N SER B 171 -23.44 -10.00 -15.02
CA SER B 171 -23.25 -10.62 -13.72
C SER B 171 -22.69 -12.03 -13.83
N ASP B 172 -23.08 -12.72 -14.90
CA ASP B 172 -22.75 -14.14 -15.09
C ASP B 172 -21.62 -14.33 -16.10
N ASN B 173 -20.45 -14.72 -15.63
CA ASN B 173 -19.29 -14.93 -16.50
C ASN B 173 -19.40 -16.15 -17.42
N SER B 174 -20.27 -17.08 -17.06
CA SER B 174 -20.42 -18.31 -17.83
C SER B 174 -21.47 -18.14 -18.92
N SER B 175 -22.03 -16.94 -19.02
CA SER B 175 -23.06 -16.65 -19.99
C SER B 175 -22.49 -16.54 -21.41
N ILE B 176 -23.38 -16.63 -22.39
CA ILE B 176 -23.01 -16.49 -23.80
C ILE B 176 -22.57 -15.06 -24.08
N ALA B 177 -23.28 -14.11 -23.47
CA ALA B 177 -22.99 -12.70 -23.67
C ALA B 177 -21.57 -12.38 -23.25
N PHE B 178 -21.11 -12.97 -22.15
CA PHE B 178 -19.75 -12.74 -21.70
C PHE B 178 -18.75 -13.48 -22.55
N ALA B 179 -19.12 -14.66 -23.03
CA ALA B 179 -18.21 -15.46 -23.83
C ALA B 179 -17.84 -14.76 -25.14
N LYS B 180 -18.67 -13.83 -25.57
CA LYS B 180 -18.46 -13.13 -26.84
C LYS B 180 -17.44 -11.99 -26.72
N VAL B 181 -17.13 -11.60 -25.49
CA VAL B 181 -16.21 -10.48 -25.29
C VAL B 181 -15.01 -10.85 -24.42
N LYS B 182 -14.96 -12.11 -23.99
CA LYS B 182 -13.94 -12.55 -23.04
C LYS B 182 -12.53 -12.42 -23.60
N ALA B 183 -12.35 -12.77 -24.87
CA ALA B 183 -11.04 -12.68 -25.48
C ALA B 183 -10.55 -11.24 -25.44
N HIS B 184 -11.44 -10.32 -25.80
CA HIS B 184 -11.10 -8.90 -25.74
C HIS B 184 -10.70 -8.48 -24.32
N LYS B 185 -11.52 -8.87 -23.35
CA LYS B 185 -11.28 -8.51 -21.95
C LYS B 185 -9.92 -9.00 -21.45
N VAL B 186 -9.64 -10.28 -21.67
CA VAL B 186 -8.41 -10.91 -21.21
C VAL B 186 -7.17 -10.35 -21.88
N ASN B 187 -7.17 -10.34 -23.21
CA ASN B 187 -6.02 -9.88 -23.97
C ASN B 187 -5.69 -8.41 -23.75
N GLU B 188 -6.72 -7.57 -23.72
CA GLU B 188 -6.49 -6.14 -23.55
C GLU B 188 -6.02 -5.80 -22.14
N ALA B 189 -6.44 -6.60 -21.16
CA ALA B 189 -6.00 -6.39 -19.78
C ALA B 189 -4.51 -6.73 -19.64
N MET B 190 -4.09 -7.80 -20.30
CA MET B 190 -2.70 -8.21 -20.32
C MET B 190 -1.84 -7.15 -20.95
N ARG B 191 -2.36 -6.57 -22.03
CA ARG B 191 -1.69 -5.51 -22.75
C ARG B 191 -1.50 -4.28 -21.87
N VAL B 192 -2.55 -3.92 -21.13
CA VAL B 192 -2.50 -2.81 -20.18
C VAL B 192 -1.42 -2.99 -19.11
N PHE B 193 -1.41 -4.16 -18.47
CA PHE B 193 -0.53 -4.39 -17.34
C PHE B 193 0.85 -4.88 -17.75
N SER B 194 1.14 -4.86 -19.04
CA SER B 194 2.49 -5.11 -19.52
C SER B 194 3.38 -3.87 -19.37
N ALA B 195 2.75 -2.71 -19.12
CA ALA B 195 3.48 -1.46 -18.95
C ALA B 195 4.45 -1.55 -17.78
N LYS B 196 5.64 -0.99 -17.95
CA LYS B 196 6.68 -1.17 -16.93
C LYS B 196 6.34 -0.54 -15.57
N ARG B 197 5.52 0.51 -15.57
CA ARG B 197 5.14 1.20 -14.32
C ARG B 197 4.53 0.28 -13.26
N PHE B 198 3.99 -0.86 -13.68
CA PHE B 198 3.31 -1.75 -12.73
C PHE B 198 4.27 -2.76 -12.07
N GLY B 199 5.44 -2.96 -12.67
CA GLY B 199 6.47 -3.79 -12.07
C GLY B 199 6.13 -5.26 -11.94
N ILE B 200 5.28 -5.75 -12.84
CA ILE B 200 4.84 -7.14 -12.81
C ILE B 200 5.88 -8.06 -13.46
N ASP B 201 6.14 -9.20 -12.83
CA ASP B 201 7.10 -10.18 -13.36
C ASP B 201 6.39 -11.31 -14.12
N VAL B 202 5.26 -11.76 -13.60
CA VAL B 202 4.49 -12.84 -14.23
C VAL B 202 3.00 -12.53 -14.17
N LEU B 203 2.30 -12.75 -15.28
CA LEU B 203 0.85 -12.58 -15.30
C LEU B 203 0.18 -13.93 -15.08
N LYS B 204 -0.79 -13.97 -14.19
CA LYS B 204 -1.60 -15.16 -14.02
C LYS B 204 -2.98 -14.89 -14.63
N VAL B 205 -3.30 -15.60 -15.72
CA VAL B 205 -4.50 -15.28 -16.48
C VAL B 205 -5.33 -16.52 -16.80
N GLU B 206 -6.59 -16.29 -17.19
CA GLU B 206 -7.44 -17.36 -17.68
C GLU B 206 -7.21 -17.53 -19.18
N VAL B 207 -7.58 -18.69 -19.72
CA VAL B 207 -7.59 -18.87 -21.17
C VAL B 207 -8.56 -17.87 -21.77
N PRO B 208 -8.22 -17.34 -22.96
CA PRO B 208 -8.97 -16.21 -23.52
C PRO B 208 -10.40 -16.55 -23.93
N LEU B 209 -10.76 -17.82 -23.95
CA LEU B 209 -12.10 -18.23 -24.37
C LEU B 209 -12.87 -19.01 -23.31
N ASN B 210 -14.15 -19.18 -23.57
CA ASN B 210 -14.96 -20.17 -22.89
C ASN B 210 -14.93 -21.45 -23.73
N MET B 211 -14.16 -22.43 -23.26
CA MET B 211 -13.93 -23.66 -24.03
C MET B 211 -15.23 -24.43 -24.26
N ALA B 212 -16.22 -24.21 -23.40
CA ALA B 212 -17.52 -24.86 -23.51
C ALA B 212 -18.31 -24.38 -24.72
N TYR B 213 -17.77 -23.40 -25.44
CA TYR B 213 -18.40 -22.90 -26.66
C TYR B 213 -17.48 -23.04 -27.86
N VAL B 214 -16.41 -23.82 -27.69
CA VAL B 214 -15.44 -24.05 -28.75
C VAL B 214 -15.69 -25.39 -29.46
N GLU B 215 -15.66 -25.37 -30.78
CA GLU B 215 -15.84 -26.58 -31.60
C GLU B 215 -14.94 -27.73 -31.12
N GLY B 216 -15.54 -28.88 -30.88
CA GLY B 216 -14.79 -30.03 -30.41
C GLY B 216 -14.81 -30.23 -28.91
N PHE B 217 -14.91 -29.14 -28.15
CA PHE B 217 -14.84 -29.23 -26.69
C PHE B 217 -16.24 -29.28 -26.09
N THR B 218 -17.23 -28.91 -26.90
CA THR B 218 -18.62 -28.95 -26.48
C THR B 218 -19.31 -29.99 -27.35
N GLU B 219 -20.50 -30.40 -26.94
CA GLU B 219 -21.30 -31.30 -27.76
C GLU B 219 -22.59 -30.58 -28.14
N GLY B 220 -22.66 -29.28 -27.81
CA GLY B 220 -23.78 -28.45 -28.20
C GLY B 220 -23.36 -27.25 -29.03
N PRO B 221 -23.99 -26.09 -28.78
CA PRO B 221 -23.79 -24.90 -29.61
C PRO B 221 -22.40 -24.30 -29.45
N ILE B 222 -21.81 -23.86 -30.56
CA ILE B 222 -20.48 -23.28 -30.56
C ILE B 222 -20.48 -21.80 -30.96
N LEU B 223 -19.63 -21.01 -30.30
CA LEU B 223 -19.42 -19.61 -30.68
C LEU B 223 -18.19 -19.46 -31.55
N TYR B 224 -17.20 -20.33 -31.33
CA TYR B 224 -15.95 -20.27 -32.07
C TYR B 224 -15.62 -21.59 -32.75
N SER B 225 -15.20 -21.52 -34.01
CA SER B 225 -14.57 -22.66 -34.67
C SER B 225 -13.17 -22.82 -34.09
N LYS B 226 -12.51 -23.94 -34.41
CA LYS B 226 -11.17 -24.19 -33.89
C LYS B 226 -10.15 -23.21 -34.46
N ALA B 227 -10.41 -22.70 -35.65
CA ALA B 227 -9.53 -21.71 -36.26
C ALA B 227 -9.59 -20.38 -35.52
N ASP B 228 -10.80 -19.92 -35.22
CA ASP B 228 -10.99 -18.64 -34.52
C ASP B 228 -10.47 -18.72 -33.08
N ALA B 229 -10.63 -19.89 -32.49
CA ALA B 229 -10.13 -20.15 -31.15
C ALA B 229 -8.61 -20.04 -31.11
N ALA B 230 -7.95 -20.62 -32.10
CA ALA B 230 -6.49 -20.54 -32.18
C ALA B 230 -6.02 -19.10 -32.33
N LEU B 231 -6.80 -18.30 -33.06
CA LEU B 231 -6.50 -16.88 -33.22
C LEU B 231 -6.50 -16.16 -31.88
N ALA B 232 -7.45 -16.51 -31.01
CA ALA B 232 -7.55 -15.91 -29.68
C ALA B 232 -6.31 -16.20 -28.85
N PHE B 233 -5.82 -17.44 -28.93
CA PHE B 233 -4.59 -17.84 -28.25
C PHE B 233 -3.37 -17.13 -28.82
N LYS B 234 -3.36 -16.94 -30.14
CA LYS B 234 -2.30 -16.18 -30.79
C LYS B 234 -2.31 -14.71 -30.36
N GLU B 235 -3.50 -14.12 -30.30
CA GLU B 235 -3.65 -12.73 -29.88
C GLU B 235 -3.25 -12.55 -28.43
N GLN B 236 -3.54 -13.56 -27.60
CA GLN B 236 -3.17 -13.51 -26.21
C GLN B 236 -1.65 -13.52 -26.03
N GLU B 237 -0.96 -14.31 -26.86
CA GLU B 237 0.49 -14.46 -26.77
C GLU B 237 1.21 -13.21 -27.27
N ALA B 238 0.57 -12.50 -28.20
CA ALA B 238 1.16 -11.28 -28.73
C ALA B 238 0.82 -10.12 -27.81
N ALA B 239 -0.05 -10.36 -26.84
CA ALA B 239 -0.56 -9.28 -26.00
C ALA B 239 0.44 -8.82 -24.95
N SER B 240 1.46 -9.65 -24.68
CA SER B 240 2.44 -9.32 -23.64
C SER B 240 3.82 -9.88 -23.94
N HIS B 241 4.82 -9.25 -23.35
CA HIS B 241 6.20 -9.71 -23.39
C HIS B 241 6.53 -10.50 -22.13
N LEU B 242 5.66 -10.36 -21.12
CA LEU B 242 5.87 -11.00 -19.83
C LEU B 242 5.52 -12.48 -19.87
N PRO B 243 6.18 -13.28 -19.03
CA PRO B 243 5.77 -14.67 -18.80
C PRO B 243 4.34 -14.72 -18.27
N TYR B 244 3.56 -15.71 -18.71
CA TYR B 244 2.22 -15.89 -18.16
C TYR B 244 1.88 -17.35 -17.96
N ILE B 245 0.97 -17.62 -17.03
CA ILE B 245 0.54 -18.98 -16.72
C ILE B 245 -0.98 -19.06 -16.62
N TYR B 246 -1.53 -20.26 -16.75
CA TYR B 246 -2.98 -20.45 -16.72
C TYR B 246 -3.53 -20.91 -15.38
N LEU B 247 -4.65 -20.33 -14.97
CA LEU B 247 -5.43 -20.88 -13.86
C LEU B 247 -6.46 -21.86 -14.41
N SER B 248 -6.84 -22.84 -13.61
CA SER B 248 -7.70 -23.93 -14.09
C SER B 248 -9.19 -23.53 -14.10
N ALA B 249 -9.54 -22.54 -13.28
CA ALA B 249 -10.90 -22.01 -13.21
C ALA B 249 -11.95 -23.05 -12.79
N GLY B 250 -11.51 -24.08 -12.07
CA GLY B 250 -12.41 -25.09 -11.52
C GLY B 250 -13.00 -26.08 -12.51
N VAL B 251 -12.42 -26.17 -13.70
CA VAL B 251 -12.84 -27.15 -14.69
C VAL B 251 -12.40 -28.56 -14.27
N SER B 252 -12.87 -29.58 -14.97
CA SER B 252 -12.45 -30.94 -14.70
C SER B 252 -10.99 -31.11 -15.08
N ALA B 253 -10.30 -32.05 -14.46
CA ALA B 253 -8.87 -32.28 -14.73
C ALA B 253 -8.66 -32.54 -16.22
N GLN B 254 -9.51 -33.38 -16.80
CA GLN B 254 -9.39 -33.79 -18.19
C GLN B 254 -9.59 -32.63 -19.17
N LEU B 255 -10.59 -31.79 -18.92
CA LEU B 255 -10.85 -30.62 -19.77
C LEU B 255 -9.66 -29.68 -19.77
N PHE B 256 -9.08 -29.50 -18.59
CA PHE B 256 -7.92 -28.62 -18.43
C PHE B 256 -6.74 -29.11 -19.24
N GLN B 257 -6.43 -30.40 -19.15
CA GLN B 257 -5.30 -30.98 -19.87
C GLN B 257 -5.46 -30.89 -21.40
N GLU B 258 -6.68 -31.07 -21.88
CA GLU B 258 -6.96 -30.96 -23.31
C GLU B 258 -6.88 -29.50 -23.79
N THR B 259 -7.23 -28.58 -22.89
CA THR B 259 -7.17 -27.16 -23.21
C THR B 259 -5.72 -26.72 -23.36
N LEU B 260 -4.85 -27.25 -22.51
CA LEU B 260 -3.43 -26.92 -22.58
C LEU B 260 -2.85 -27.45 -23.88
N ILE B 261 -3.24 -28.66 -24.25
CA ILE B 261 -2.82 -29.27 -25.50
C ILE B 261 -3.27 -28.41 -26.69
N PHE B 262 -4.53 -28.03 -26.68
CA PHE B 262 -5.05 -27.16 -27.74
C PHE B 262 -4.29 -25.84 -27.81
N ALA B 263 -4.10 -25.22 -26.65
CA ALA B 263 -3.39 -23.95 -26.55
C ALA B 263 -1.98 -24.02 -27.14
N ALA B 264 -1.25 -25.08 -26.81
CA ALA B 264 0.10 -25.27 -27.35
C ALA B 264 0.07 -25.44 -28.87
N GLN B 265 -0.91 -26.21 -29.35
CA GLN B 265 -1.10 -26.41 -30.78
C GLN B 265 -1.43 -25.11 -31.51
N SER B 266 -2.14 -24.21 -30.82
CA SER B 266 -2.55 -22.93 -31.40
C SER B 266 -1.42 -21.91 -31.49
N GLY B 267 -0.36 -22.11 -30.70
CA GLY B 267 0.79 -21.23 -30.74
C GLY B 267 1.04 -20.48 -29.45
N ALA B 268 0.28 -20.81 -28.41
CA ALA B 268 0.46 -20.18 -27.10
C ALA B 268 1.75 -20.64 -26.45
N THR B 269 2.50 -19.70 -25.88
CA THR B 269 3.74 -20.03 -25.20
C THR B 269 3.61 -19.79 -23.70
N PHE B 270 2.55 -20.33 -23.10
CA PHE B 270 2.34 -20.22 -21.67
C PHE B 270 3.48 -20.92 -20.93
N ASN B 271 3.81 -20.41 -19.76
CA ASN B 271 5.02 -20.82 -19.06
C ASN B 271 4.76 -21.66 -17.82
N GLY B 272 3.59 -22.30 -17.80
CA GLY B 272 3.19 -23.17 -16.71
C GLY B 272 1.77 -22.91 -16.27
N VAL B 273 1.40 -23.44 -15.11
CA VAL B 273 0.05 -23.26 -14.58
C VAL B 273 0.07 -23.13 -13.07
N LEU B 274 -1.01 -22.56 -12.53
CA LEU B 274 -1.27 -22.60 -11.10
C LEU B 274 -2.60 -23.30 -10.91
N CYS B 275 -2.55 -24.61 -10.74
CA CYS B 275 -3.74 -25.44 -10.82
C CYS B 275 -4.23 -25.88 -9.45
N GLY B 276 -5.53 -25.76 -9.21
CA GLY B 276 -6.09 -26.10 -7.92
C GLY B 276 -7.11 -27.22 -7.90
N ARG B 277 -8.39 -26.85 -7.98
CA ARG B 277 -9.48 -27.82 -7.81
C ARG B 277 -9.49 -28.93 -8.86
N ALA B 278 -8.93 -28.66 -10.02
CA ALA B 278 -8.88 -29.68 -11.07
C ALA B 278 -8.00 -30.85 -10.61
N THR B 279 -7.08 -30.56 -9.68
CA THR B 279 -6.22 -31.57 -9.08
C THR B 279 -6.82 -32.21 -7.81
N TRP B 280 -7.26 -31.39 -6.87
CA TRP B 280 -7.63 -31.91 -5.55
C TRP B 280 -9.10 -31.79 -5.13
N ALA B 281 -9.99 -31.33 -6.01
CA ALA B 281 -11.39 -31.05 -5.63
C ALA B 281 -12.07 -32.19 -4.86
N ASP B 282 -11.88 -33.42 -5.31
CA ASP B 282 -12.57 -34.57 -4.74
C ASP B 282 -12.13 -34.92 -3.32
N VAL B 283 -11.00 -34.40 -2.86
CA VAL B 283 -10.52 -34.73 -1.53
C VAL B 283 -11.38 -34.10 -0.44
N VAL B 284 -12.08 -33.02 -0.79
CA VAL B 284 -12.88 -32.30 0.20
C VAL B 284 -14.00 -33.18 0.76
N SER B 285 -14.78 -33.79 -0.14
CA SER B 285 -15.84 -34.69 0.27
C SER B 285 -15.30 -35.87 1.09
N VAL B 286 -14.16 -36.43 0.65
CA VAL B 286 -13.54 -37.57 1.33
C VAL B 286 -13.12 -37.18 2.76
N TYR B 287 -12.48 -36.02 2.87
CA TYR B 287 -12.03 -35.49 4.17
C TYR B 287 -13.17 -35.28 5.15
N ILE B 288 -14.26 -34.69 4.69
CA ILE B 288 -15.37 -34.38 5.57
C ILE B 288 -16.21 -35.59 5.93
N LYS B 289 -16.46 -36.48 4.98
CA LYS B 289 -17.35 -37.60 5.22
C LYS B 289 -16.63 -38.82 5.78
N GLU B 290 -15.39 -39.06 5.36
CA GLU B 290 -14.70 -40.27 5.81
C GLU B 290 -13.49 -40.00 6.71
N GLY B 291 -13.15 -38.73 6.92
CA GLY B 291 -12.14 -38.40 7.92
C GLY B 291 -10.79 -38.10 7.33
N GLU B 292 -9.84 -37.77 8.19
CA GLU B 292 -8.50 -37.36 7.81
C GLU B 292 -7.65 -38.46 7.19
N ALA B 293 -7.68 -39.65 7.80
CA ALA B 293 -6.87 -40.77 7.33
C ALA B 293 -7.27 -41.21 5.93
N ALA B 294 -8.57 -41.27 5.70
CA ALA B 294 -9.11 -41.61 4.38
C ALA B 294 -8.70 -40.58 3.34
N ALA B 295 -8.80 -39.32 3.72
CA ALA B 295 -8.42 -38.22 2.85
C ALA B 295 -6.97 -38.33 2.46
N ARG B 296 -6.14 -38.69 3.44
CA ARG B 296 -4.71 -38.89 3.22
C ARG B 296 -4.43 -39.95 2.16
N GLN B 297 -5.20 -41.03 2.17
CA GLN B 297 -4.91 -42.11 1.25
C GLN B 297 -5.53 -41.85 -0.12
N TRP B 298 -6.54 -41.00 -0.17
CA TRP B 298 -7.04 -40.53 -1.46
C TRP B 298 -5.93 -39.71 -2.14
N LEU B 299 -5.29 -38.84 -1.39
CA LEU B 299 -4.25 -37.97 -1.90
C LEU B 299 -3.03 -38.76 -2.36
N ARG B 300 -2.75 -39.85 -1.67
CA ARG B 300 -1.61 -40.70 -1.96
C ARG B 300 -1.86 -41.55 -3.22
N GLN B 301 -3.11 -41.60 -3.66
CA GLN B 301 -3.49 -42.43 -4.81
C GLN B 301 -4.02 -41.57 -5.96
N GLU B 302 -5.27 -41.11 -5.89
CA GLU B 302 -5.86 -40.34 -6.99
C GLU B 302 -5.35 -38.92 -7.06
N GLY B 303 -4.88 -38.39 -5.95
CA GLY B 303 -4.31 -37.06 -5.93
C GLY B 303 -3.01 -37.01 -6.70
N VAL B 304 -2.14 -37.96 -6.41
CA VAL B 304 -0.82 -38.02 -7.02
C VAL B 304 -0.90 -38.27 -8.52
N LYS B 305 -1.89 -39.05 -8.96
CA LYS B 305 -1.99 -39.33 -10.39
C LYS B 305 -2.63 -38.16 -11.14
N ASN B 306 -3.50 -37.40 -10.46
CA ASN B 306 -3.99 -36.15 -11.01
C ASN B 306 -2.86 -35.20 -11.35
N ILE B 307 -2.00 -34.98 -10.36
CA ILE B 307 -0.93 -34.00 -10.49
C ILE B 307 0.20 -34.56 -11.38
N GLU B 308 0.39 -35.88 -11.38
CA GLU B 308 1.39 -36.49 -12.26
C GLU B 308 0.97 -36.37 -13.72
N SER B 309 -0.32 -36.59 -13.97
CA SER B 309 -0.86 -36.46 -15.32
C SER B 309 -0.68 -35.03 -15.82
N LEU B 310 -0.96 -34.08 -14.94
CA LEU B 310 -0.79 -32.67 -15.27
C LEU B 310 0.67 -32.38 -15.65
N ASN B 311 1.59 -32.87 -14.84
CA ASN B 311 3.02 -32.71 -15.10
C ASN B 311 3.40 -33.36 -16.42
N ASP B 312 2.81 -34.51 -16.71
CA ASP B 312 3.05 -35.19 -17.97
C ASP B 312 2.66 -34.29 -19.13
N VAL B 313 1.47 -33.70 -19.07
CA VAL B 313 1.01 -32.80 -20.11
C VAL B 313 1.86 -31.53 -20.19
N LEU B 314 2.14 -30.93 -19.04
CA LEU B 314 2.94 -29.71 -18.98
C LEU B 314 4.30 -29.89 -19.63
N ALA B 315 4.85 -31.09 -19.48
CA ALA B 315 6.17 -31.39 -20.01
C ALA B 315 6.20 -31.37 -21.54
N LYS B 316 5.03 -31.37 -22.16
CA LYS B 316 4.95 -31.44 -23.62
C LYS B 316 4.30 -30.19 -24.23
N THR B 317 3.80 -29.30 -23.39
CA THR B 317 3.02 -28.16 -23.89
C THR B 317 3.55 -26.81 -23.42
N ALA B 318 4.07 -26.77 -22.20
CA ALA B 318 4.50 -25.52 -21.60
C ALA B 318 5.87 -25.12 -22.14
N SER B 319 6.12 -23.80 -22.19
CA SER B 319 7.39 -23.28 -22.65
C SER B 319 8.14 -22.66 -21.48
N PRO B 320 9.47 -22.81 -21.44
CA PRO B 320 10.23 -22.24 -20.32
C PRO B 320 10.23 -20.72 -20.34
N TRP B 321 10.15 -20.08 -19.18
CA TRP B 321 10.14 -18.63 -19.10
C TRP B 321 11.52 -18.04 -19.37
N THR B 322 12.53 -18.90 -19.44
CA THR B 322 13.90 -18.46 -19.60
C THR B 322 14.08 -17.76 -20.95
N ASN B 323 13.19 -18.10 -21.89
CA ASN B 323 13.22 -17.50 -23.22
C ASN B 323 12.61 -16.09 -23.21
N LYS B 324 11.89 -15.75 -22.15
CA LYS B 324 11.19 -14.47 -22.09
C LYS B 324 11.91 -13.47 -21.19
N VAL B 325 12.91 -13.93 -20.46
CA VAL B 325 13.78 -13.01 -19.72
C VAL B 325 15.17 -13.16 -20.30
N LEU B 326 15.54 -12.24 -21.18
CA LEU B 326 16.71 -12.34 -22.06
C LEU B 326 17.26 -13.76 -22.26
S SO4 C . 0.77 23.06 12.07
O1 SO4 C . 0.95 24.46 12.45
O2 SO4 C . -0.24 22.96 11.01
O3 SO4 C . 2.04 22.53 11.57
O4 SO4 C . 0.31 22.29 13.22
S SO4 D . 5.46 -6.47 14.92
O1 SO4 D . 6.42 -5.53 15.48
O2 SO4 D . 4.59 -5.78 13.95
O3 SO4 D . 6.18 -7.55 14.23
O4 SO4 D . 4.63 -7.05 15.97
S SO4 E . -8.44 17.23 10.65
O1 SO4 E . -7.17 17.64 11.25
O2 SO4 E . -9.40 18.33 10.78
O3 SO4 E . -8.26 16.91 9.23
O4 SO4 E . -8.94 16.05 11.35
S SO4 F . -8.85 -23.06 -9.44
O1 SO4 F . -9.05 -23.16 -7.99
O2 SO4 F . -8.91 -21.66 -9.88
O3 SO4 F . -9.93 -23.81 -10.07
O4 SO4 F . -7.55 -23.61 -9.80
S SO4 G . -4.12 6.63 -15.81
O1 SO4 G . -3.38 6.99 -14.60
O2 SO4 G . -3.94 7.68 -16.81
O3 SO4 G . -3.62 5.36 -16.34
O4 SO4 G . -5.54 6.51 -15.48
S SO4 H . -14.46 -16.25 -2.99
O1 SO4 H . -14.24 -14.82 -2.76
O2 SO4 H . -14.85 -16.44 -4.39
O3 SO4 H . -13.23 -16.99 -2.71
O4 SO4 H . -15.53 -16.70 -2.09
#